data_1MPO
#
_entry.id   1MPO
#
_cell.length_a   129.800
_cell.length_b   211.700
_cell.length_c   218.200
_cell.angle_alpha   90.00
_cell.angle_beta   90.00
_cell.angle_gamma   90.00
#
_symmetry.space_group_name_H-M   'C 2 2 21'
#
loop_
_entity.id
_entity.type
_entity.pdbx_description
1 polymer MALTOPORIN
2 branched alpha-D-glucopyranose-(1-4)-alpha-D-glucopyranose-(1-4)-alpha-D-glucopyranose-(1-4)-alpha-D-glucopyranose-(1-4)-alpha-D-glucopyranose
3 non-polymer 'MAGNESIUM ION'
4 water water
#
_entity_poly.entity_id   1
_entity_poly.type   'polypeptide(L)'
_entity_poly.pdbx_seq_one_letter_code
;VDFHGYARSGIGWTGSGGEQQCFQTTGAQSKYRLGNECETYAELKLGQEVWKEGDKSFYFDTNVAYSVAQQNDWEATDPA
FREANVQGKNLIEWLPGSTIWAGKRFYQRHDVHMIDFYYWDISGPGAGLENIDVGFGKLSLAATRSSEAGGSSSFASNNI
YDYTNETANDVFDVRLAQMEINPGGTLELGVDYGRANLRDNYRLVDGASKDGWLFTAEHTQSVLKGFNKFVVQYATDSMT
SQGKGLSQGSGVAFDNEKFAYNINNNGHMLRILDHGAISMGDNWDMMYVGMYQDINWDNDNGTKWWTVGIRPMYKWTPIM
STVMEIGYDNVESQRTGDKNNQYKITLAQQWQAGDSIWSRPAIRVFATYAKWDEKWGYDYTGNADNNANFGKAVPADFNG
GSFGRGDSDEWTFGAQMEIWW
;
_entity_poly.pdbx_strand_id   A,B,C
#
# COMPACT_ATOMS: atom_id res chain seq x y z
N VAL A 1 13.48 2.72 -16.09
CA VAL A 1 12.03 2.71 -15.78
C VAL A 1 11.46 4.08 -16.07
N ASP A 2 10.22 4.17 -16.53
CA ASP A 2 9.59 5.46 -16.76
C ASP A 2 8.84 5.81 -15.49
N PHE A 3 8.86 7.05 -15.09
CA PHE A 3 8.21 7.43 -13.89
C PHE A 3 7.25 8.54 -14.22
N HIS A 4 5.96 8.27 -14.06
CA HIS A 4 4.94 9.27 -14.30
C HIS A 4 3.94 9.28 -13.20
N GLY A 5 3.05 10.26 -13.21
CA GLY A 5 2.03 10.33 -12.19
C GLY A 5 1.22 11.62 -12.13
N TYR A 6 0.70 11.91 -10.93
CA TYR A 6 -0.09 13.12 -10.68
C TYR A 6 -0.07 13.26 -9.17
N ALA A 7 -0.15 14.46 -8.61
CA ALA A 7 -0.16 14.53 -7.16
C ALA A 7 -0.59 15.92 -6.83
N ARG A 8 -1.23 16.13 -5.69
CA ARG A 8 -1.67 17.47 -5.22
C ARG A 8 -1.62 17.27 -3.77
N SER A 9 -1.11 18.23 -3.04
CA SER A 9 -0.99 18.09 -1.62
C SER A 9 -0.85 19.52 -1.14
N GLY A 10 -1.30 19.83 0.07
CA GLY A 10 -1.24 21.22 0.53
C GLY A 10 -1.71 21.37 1.96
N ILE A 11 -1.94 22.60 2.41
CA ILE A 11 -2.41 22.87 3.77
C ILE A 11 -3.38 24.03 3.64
N GLY A 12 -4.49 23.99 4.36
CA GLY A 12 -5.46 25.07 4.25
C GLY A 12 -6.06 25.41 5.61
N TRP A 13 -6.82 26.52 5.62
CA TRP A 13 -7.52 27.06 6.79
C TRP A 13 -8.95 27.57 6.49
N THR A 14 -9.87 27.41 7.43
CA THR A 14 -11.22 27.91 7.17
C THR A 14 -11.39 29.26 7.81
N GLY A 15 -11.90 30.20 7.03
CA GLY A 15 -12.09 31.52 7.56
C GLY A 15 -12.70 31.48 8.95
N SER A 16 -13.84 30.82 9.09
CA SER A 16 -14.52 30.67 10.40
C SER A 16 -13.86 29.78 11.46
N GLY A 17 -12.88 28.95 11.10
CA GLY A 17 -12.18 28.10 12.06
C GLY A 17 -11.81 26.71 11.57
N GLY A 18 -10.71 26.17 12.11
CA GLY A 18 -10.25 24.82 11.78
C GLY A 18 -9.71 24.59 10.40
N GLU A 19 -9.38 23.36 10.04
CA GLU A 19 -8.82 23.13 8.73
C GLU A 19 -9.67 23.52 7.59
N GLN A 20 -9.05 23.59 6.45
CA GLN A 20 -9.74 23.96 5.25
C GLN A 20 -10.87 23.05 4.88
N GLN A 21 -11.96 23.66 4.43
CA GLN A 21 -13.12 22.92 3.96
C GLN A 21 -13.31 23.17 2.48
N CYS A 22 -13.94 22.23 1.82
CA CYS A 22 -14.19 22.33 0.40
C CYS A 22 -15.68 22.50 0.09
N PHE A 23 -16.04 23.17 -1.00
CA PHE A 23 -17.42 23.46 -1.25
C PHE A 23 -18.00 22.87 -2.49
N GLN A 24 -19.03 22.03 -2.35
CA GLN A 24 -19.65 21.45 -3.51
C GLN A 24 -21.19 21.45 -3.44
N THR A 25 -21.85 21.98 -4.46
CA THR A 25 -23.28 22.01 -4.49
C THR A 25 -23.91 20.64 -4.41
N THR A 26 -24.87 20.50 -3.47
CA THR A 26 -25.59 19.24 -3.26
C THR A 26 -26.33 18.89 -4.54
N GLY A 27 -26.07 17.71 -5.08
CA GLY A 27 -26.70 17.36 -6.32
C GLY A 27 -25.73 17.56 -7.49
N ALA A 28 -24.72 18.46 -7.36
CA ALA A 28 -23.75 18.65 -8.45
C ALA A 28 -22.77 17.48 -8.40
N GLN A 29 -22.33 17.00 -9.56
CA GLN A 29 -21.35 15.91 -9.58
C GLN A 29 -19.88 16.38 -9.55
N SER A 30 -19.64 17.67 -9.37
CA SER A 30 -18.29 18.21 -9.31
C SER A 30 -18.29 19.51 -8.55
N LYS A 31 -17.10 20.09 -8.37
CA LYS A 31 -16.97 21.39 -7.73
C LYS A 31 -15.79 22.06 -8.48
N TYR A 32 -15.68 23.39 -8.41
CA TYR A 32 -14.59 24.10 -9.07
C TYR A 32 -13.39 23.90 -8.19
N ARG A 33 -12.40 23.21 -8.73
CA ARG A 33 -11.24 22.87 -7.95
C ARG A 33 -10.21 23.84 -7.41
N LEU A 34 -9.96 24.97 -8.04
CA LEU A 34 -8.87 25.82 -7.57
C LEU A 34 -9.09 26.32 -6.15
N GLY A 35 -8.19 25.96 -5.25
CA GLY A 35 -8.35 26.42 -3.88
C GLY A 35 -9.62 25.86 -3.28
N ASN A 36 -9.90 24.62 -3.60
CA ASN A 36 -11.08 23.92 -3.17
C ASN A 36 -10.86 22.38 -3.23
N GLU A 37 -9.64 21.91 -2.99
CA GLU A 37 -9.37 20.48 -2.97
C GLU A 37 -8.85 20.25 -1.58
N CYS A 38 -9.40 19.24 -0.90
CA CYS A 38 -9.04 18.96 0.47
C CYS A 38 -8.34 17.63 0.75
N GLU A 39 -7.69 16.98 -0.22
CA GLU A 39 -6.97 15.73 0.07
C GLU A 39 -5.62 15.78 -0.54
N THR A 40 -4.77 14.83 -0.18
CA THR A 40 -3.48 14.70 -0.82
C THR A 40 -3.83 13.50 -1.63
N TYR A 41 -3.82 13.62 -2.97
CA TYR A 41 -4.15 12.51 -3.87
C TYR A 41 -2.89 12.31 -4.69
N ALA A 42 -2.54 11.08 -5.07
CA ALA A 42 -1.33 10.86 -5.82
C ALA A 42 -1.34 9.58 -6.57
N GLU A 43 -0.94 9.59 -7.84
CA GLU A 43 -0.80 8.35 -8.61
C GLU A 43 0.69 8.20 -8.99
N LEU A 44 1.28 7.05 -8.75
CA LEU A 44 2.68 6.88 -9.08
C LEU A 44 2.80 5.80 -10.11
N LYS A 45 3.09 6.18 -11.35
CA LYS A 45 3.21 5.16 -12.40
C LYS A 45 4.68 4.79 -12.62
N LEU A 46 4.96 3.51 -12.87
CA LEU A 46 6.30 3.01 -13.15
C LEU A 46 6.15 2.13 -14.41
N GLY A 47 6.47 2.63 -15.60
CA GLY A 47 6.31 1.73 -16.73
C GLY A 47 7.63 1.47 -17.40
N GLN A 48 7.60 0.81 -18.54
CA GLN A 48 8.82 0.55 -19.25
C GLN A 48 8.58 -0.17 -20.52
N GLU A 49 9.20 0.26 -21.61
CA GLU A 49 9.04 -0.40 -22.91
C GLU A 49 9.89 -1.64 -22.77
N VAL A 50 9.30 -2.82 -22.70
CA VAL A 50 10.12 -3.97 -22.46
C VAL A 50 10.70 -4.68 -23.66
N TRP A 51 10.30 -4.32 -24.88
CA TRP A 51 10.84 -5.01 -26.03
C TRP A 51 10.54 -4.23 -27.24
N LYS A 52 11.53 -4.10 -28.10
CA LYS A 52 11.35 -3.35 -29.32
C LYS A 52 12.15 -3.92 -30.45
N GLU A 53 11.50 -4.15 -31.57
CA GLU A 53 12.23 -4.64 -32.72
C GLU A 53 11.82 -3.91 -33.94
N GLY A 54 12.58 -2.87 -34.26
CA GLY A 54 12.22 -2.11 -35.42
C GLY A 54 11.03 -1.32 -35.03
N ASP A 55 9.91 -1.55 -35.71
CA ASP A 55 8.66 -0.82 -35.45
C ASP A 55 7.86 -1.36 -34.26
N LYS A 56 8.09 -2.63 -33.93
CA LYS A 56 7.38 -3.31 -32.88
C LYS A 56 7.90 -3.17 -31.49
N SER A 57 6.99 -2.98 -30.54
CA SER A 57 7.41 -2.90 -29.15
C SER A 57 6.30 -3.36 -28.23
N PHE A 58 6.68 -3.69 -26.98
CA PHE A 58 5.77 -4.09 -25.92
C PHE A 58 6.05 -3.12 -24.82
N TYR A 59 5.03 -2.36 -24.44
CA TYR A 59 5.15 -1.41 -23.33
C TYR A 59 4.40 -1.94 -22.10
N PHE A 60 4.99 -1.83 -20.90
CA PHE A 60 4.36 -2.29 -19.67
C PHE A 60 4.16 -1.08 -18.79
N ASP A 61 2.90 -0.84 -18.42
CA ASP A 61 2.46 0.29 -17.56
C ASP A 61 1.74 -0.12 -16.23
N THR A 62 2.00 0.59 -15.13
CA THR A 62 1.35 0.30 -13.86
C THR A 62 0.89 1.57 -13.18
N ASN A 63 0.04 1.48 -12.17
CA ASN A 63 -0.42 2.71 -11.47
C ASN A 63 -0.93 2.37 -10.06
N VAL A 64 -0.41 3.03 -9.03
CA VAL A 64 -0.80 2.74 -7.68
C VAL A 64 -1.21 4.06 -7.09
N ALA A 65 -2.50 4.26 -6.74
CA ALA A 65 -3.00 5.53 -6.19
C ALA A 65 -3.20 5.60 -4.66
N TYR A 66 -2.90 6.76 -4.11
CA TYR A 66 -2.99 6.98 -2.69
C TYR A 66 -3.83 8.19 -2.49
N SER A 67 -4.46 8.26 -1.35
CA SER A 67 -5.27 9.41 -1.11
C SER A 67 -5.38 9.51 0.40
N VAL A 68 -4.65 10.46 0.98
CA VAL A 68 -4.68 10.61 2.41
C VAL A 68 -5.37 11.93 2.73
N ALA A 69 -5.63 12.19 3.99
CA ALA A 69 -6.39 13.38 4.36
C ALA A 69 -5.56 14.57 4.61
N GLN A 70 -4.27 14.36 4.73
CA GLN A 70 -3.33 15.43 4.98
C GLN A 70 -3.59 16.23 6.21
N GLN A 71 -3.75 15.53 7.32
CA GLN A 71 -3.90 16.21 8.59
C GLN A 71 -2.80 15.74 9.49
N ASN A 72 -1.96 14.86 8.98
CA ASN A 72 -0.81 14.40 9.74
C ASN A 72 0.26 13.87 8.79
N ASP A 73 1.40 13.51 9.38
CA ASP A 73 2.51 12.94 8.65
C ASP A 73 2.18 11.46 8.39
N TRP A 74 2.26 10.64 9.41
CA TRP A 74 1.99 9.23 9.25
C TRP A 74 0.53 8.97 8.99
N GLU A 75 0.17 8.72 7.74
CA GLU A 75 -1.22 8.50 7.42
C GLU A 75 -1.30 7.23 6.65
N ALA A 76 -1.64 6.14 7.36
CA ALA A 76 -1.78 4.81 6.80
C ALA A 76 -2.98 4.84 5.90
N THR A 77 -2.96 4.03 4.84
CA THR A 77 -4.03 4.04 3.87
C THR A 77 -4.02 2.77 3.01
N ASP A 78 -5.07 2.55 2.24
CA ASP A 78 -5.17 1.38 1.38
C ASP A 78 -5.07 1.90 -0.04
N PRO A 79 -3.89 1.74 -0.66
CA PRO A 79 -3.67 2.25 -2.01
C PRO A 79 -4.48 1.47 -3.02
N ALA A 80 -4.97 2.10 -4.10
CA ALA A 80 -5.75 1.37 -5.08
C ALA A 80 -4.84 0.83 -6.17
N PHE A 81 -4.77 -0.43 -6.49
CA PHE A 81 -3.90 -0.78 -7.61
C PHE A 81 -4.77 -0.55 -8.85
N ARG A 82 -4.58 0.56 -9.55
CA ARG A 82 -5.39 0.91 -10.72
C ARG A 82 -5.01 0.51 -12.14
N GLU A 83 -3.71 0.29 -12.42
CA GLU A 83 -3.27 -0.11 -13.77
C GLU A 83 -2.17 -1.11 -13.73
N ALA A 84 -2.25 -2.07 -14.63
CA ALA A 84 -1.24 -3.10 -14.81
C ALA A 84 -1.58 -3.71 -16.14
N ASN A 85 -1.13 -3.12 -17.24
CA ASN A 85 -1.42 -3.63 -18.60
C ASN A 85 -0.21 -3.65 -19.46
N VAL A 86 -0.32 -4.36 -20.59
CA VAL A 86 0.75 -4.51 -21.61
C VAL A 86 0.16 -4.14 -22.94
N GLN A 87 0.81 -3.20 -23.63
CA GLN A 87 0.36 -2.74 -24.96
C GLN A 87 1.33 -3.21 -26.02
N GLY A 88 0.85 -3.91 -27.04
CA GLY A 88 1.73 -4.40 -28.08
C GLY A 88 1.50 -3.60 -29.34
N LYS A 89 2.42 -2.69 -29.68
CA LYS A 89 2.23 -1.86 -30.90
C LYS A 89 2.82 -2.43 -32.21
N ASN A 90 1.98 -2.40 -33.22
CA ASN A 90 2.33 -2.90 -34.53
C ASN A 90 2.58 -4.37 -34.57
N LEU A 91 1.89 -5.15 -33.77
CA LEU A 91 2.09 -6.58 -33.82
C LEU A 91 1.22 -7.23 -34.90
N ILE A 92 0.16 -6.55 -35.36
CA ILE A 92 -0.72 -7.11 -36.40
C ILE A 92 -0.38 -6.38 -37.69
N GLU A 93 0.36 -7.07 -38.56
CA GLU A 93 0.88 -6.54 -39.84
C GLU A 93 -0.14 -5.82 -40.72
N TRP A 94 -1.23 -6.50 -40.96
CA TRP A 94 -2.25 -5.94 -41.78
C TRP A 94 -3.17 -4.98 -41.10
N LEU A 95 -2.81 -4.54 -39.91
CA LEU A 95 -3.60 -3.57 -39.15
C LEU A 95 -2.53 -2.73 -38.54
N PRO A 96 -1.66 -2.15 -39.38
CA PRO A 96 -0.54 -1.31 -38.92
C PRO A 96 -0.89 -0.06 -38.13
N GLY A 97 0.01 0.22 -37.18
CA GLY A 97 -0.09 1.37 -36.31
C GLY A 97 -1.01 1.11 -35.13
N SER A 98 -1.66 -0.05 -35.17
CA SER A 98 -2.59 -0.44 -34.18
C SER A 98 -1.97 -1.21 -33.00
N THR A 99 -2.62 -1.09 -31.84
CA THR A 99 -2.21 -1.74 -30.60
C THR A 99 -3.17 -2.78 -30.06
N ILE A 100 -2.63 -3.81 -29.45
CA ILE A 100 -3.46 -4.78 -28.80
C ILE A 100 -2.98 -4.71 -27.36
N TRP A 101 -3.87 -4.36 -26.43
CA TRP A 101 -3.49 -4.27 -25.01
C TRP A 101 -4.45 -5.12 -24.20
N ALA A 102 -4.04 -5.57 -23.02
CA ALA A 102 -4.92 -6.35 -22.13
C ALA A 102 -4.41 -6.00 -20.73
N GLY A 103 -5.30 -5.94 -19.76
CA GLY A 103 -4.83 -5.62 -18.43
C GLY A 103 -5.73 -4.56 -17.91
N LYS A 104 -5.43 -4.09 -16.74
CA LYS A 104 -6.24 -3.12 -16.05
C LYS A 104 -5.70 -1.80 -16.54
N ARG A 105 -6.48 -0.97 -17.20
CA ARG A 105 -5.94 0.27 -17.74
C ARG A 105 -6.84 1.49 -17.82
N PHE A 106 -6.29 2.69 -17.63
CA PHE A 106 -7.06 3.95 -17.77
C PHE A 106 -7.21 4.16 -19.32
N TYR A 107 -8.34 3.80 -19.91
CA TYR A 107 -8.50 3.90 -21.36
C TYR A 107 -9.12 5.16 -21.96
N GLN A 108 -8.31 5.90 -22.73
CA GLN A 108 -8.71 7.13 -23.41
C GLN A 108 -9.75 7.93 -22.67
N ARG A 109 -9.44 8.38 -21.48
CA ARG A 109 -10.48 9.09 -20.78
C ARG A 109 -10.56 10.57 -21.08
N HIS A 110 -11.77 11.11 -21.15
CA HIS A 110 -11.96 12.52 -21.39
C HIS A 110 -12.42 13.21 -20.11
N ASP A 111 -11.88 14.40 -19.80
CA ASP A 111 -12.26 15.12 -18.61
C ASP A 111 -12.18 16.62 -18.78
N VAL A 112 -12.70 17.37 -17.82
CA VAL A 112 -12.67 18.81 -17.86
C VAL A 112 -11.82 19.16 -16.65
N HIS A 113 -10.57 19.50 -16.89
CA HIS A 113 -9.67 19.80 -15.78
C HIS A 113 -10.16 20.67 -14.65
N MET A 114 -10.69 21.85 -14.94
CA MET A 114 -11.05 22.75 -13.85
C MET A 114 -12.14 22.32 -12.89
N ILE A 115 -13.02 21.44 -13.33
CA ILE A 115 -14.04 20.95 -12.42
C ILE A 115 -13.70 19.49 -12.11
N ASP A 116 -12.56 19.03 -12.59
CA ASP A 116 -12.10 17.67 -12.37
C ASP A 116 -13.22 16.71 -12.63
N PHE A 117 -13.89 16.84 -13.78
CA PHE A 117 -15.01 16.01 -14.08
C PHE A 117 -14.70 15.12 -15.29
N TYR A 118 -14.75 13.81 -15.16
CA TYR A 118 -14.48 12.94 -16.28
C TYR A 118 -15.78 12.60 -16.92
N TYR A 119 -15.98 13.02 -18.17
CA TYR A 119 -17.23 12.70 -18.83
C TYR A 119 -17.23 11.48 -19.69
N TRP A 120 -16.05 10.91 -20.00
CA TRP A 120 -16.00 9.69 -20.85
C TRP A 120 -14.84 8.87 -20.33
N ASP A 121 -15.14 7.89 -19.48
CA ASP A 121 -14.11 7.08 -18.85
C ASP A 121 -14.63 5.69 -18.53
N ILE A 122 -14.21 4.69 -19.30
CA ILE A 122 -14.63 3.34 -19.07
C ILE A 122 -13.46 2.54 -18.51
N SER A 123 -12.47 3.21 -17.91
CA SER A 123 -11.29 2.49 -17.42
C SER A 123 -11.63 1.33 -16.48
N GLY A 124 -10.73 0.35 -16.38
CA GLY A 124 -10.93 -0.80 -15.52
C GLY A 124 -10.29 -2.02 -16.13
N PRO A 125 -10.50 -3.27 -15.62
CA PRO A 125 -9.87 -4.45 -16.24
C PRO A 125 -10.38 -4.47 -17.67
N GLY A 126 -9.57 -4.81 -18.67
CA GLY A 126 -10.13 -4.78 -20.03
C GLY A 126 -9.21 -5.32 -21.08
N ALA A 127 -9.56 -5.10 -22.32
CA ALA A 127 -8.77 -5.52 -23.48
C ALA A 127 -9.33 -4.84 -24.72
N GLY A 128 -8.49 -4.65 -25.73
CA GLY A 128 -8.93 -3.98 -26.95
C GLY A 128 -7.89 -3.89 -28.06
N LEU A 129 -8.37 -3.58 -29.25
CA LEU A 129 -7.55 -3.41 -30.42
C LEU A 129 -7.74 -1.95 -30.65
N GLU A 130 -6.70 -1.20 -30.36
CA GLU A 130 -6.77 0.25 -30.46
C GLU A 130 -6.11 0.85 -31.70
N ASN A 131 -6.66 1.96 -32.19
CA ASN A 131 -6.06 2.66 -33.30
C ASN A 131 -5.93 2.01 -34.66
N ILE A 132 -7.01 1.44 -35.15
CA ILE A 132 -7.00 0.80 -36.44
C ILE A 132 -7.23 1.95 -37.42
N ASP A 133 -6.43 2.03 -38.49
CA ASP A 133 -6.59 3.12 -39.45
C ASP A 133 -7.68 2.75 -40.43
N VAL A 134 -8.83 3.42 -40.36
CA VAL A 134 -9.96 3.14 -41.25
C VAL A 134 -9.91 4.18 -42.38
N GLY A 135 -8.77 4.82 -42.56
CA GLY A 135 -8.68 5.78 -43.64
C GLY A 135 -9.13 7.18 -43.31
N PHE A 136 -10.42 7.40 -43.16
CA PHE A 136 -10.89 8.75 -42.81
C PHE A 136 -10.67 9.05 -41.35
N GLY A 137 -10.49 7.99 -40.57
CA GLY A 137 -10.22 8.15 -39.17
C GLY A 137 -9.64 6.88 -38.61
N LYS A 138 -9.44 6.92 -37.28
CA LYS A 138 -8.92 5.81 -36.46
C LYS A 138 -10.05 5.19 -35.67
N LEU A 139 -10.21 3.88 -35.81
CA LEU A 139 -11.25 3.15 -35.14
C LEU A 139 -10.70 2.34 -33.99
N SER A 140 -11.32 2.44 -32.81
CA SER A 140 -10.88 1.64 -31.69
C SER A 140 -12.00 0.78 -31.12
N LEU A 141 -11.63 -0.37 -30.60
CA LEU A 141 -12.55 -1.33 -29.96
C LEU A 141 -12.00 -1.86 -28.58
N ALA A 142 -12.82 -1.78 -27.52
CA ALA A 142 -12.44 -2.26 -26.16
C ALA A 142 -13.61 -2.80 -25.40
N ALA A 143 -13.31 -3.72 -24.50
CA ALA A 143 -14.31 -4.24 -23.61
C ALA A 143 -13.69 -4.11 -22.24
N THR A 144 -14.38 -3.40 -21.36
CA THR A 144 -13.91 -3.28 -19.98
C THR A 144 -14.97 -3.82 -19.03
N ARG A 145 -14.65 -3.79 -17.75
CA ARG A 145 -15.49 -4.36 -16.74
C ARG A 145 -15.52 -3.59 -15.47
N SER A 146 -16.65 -3.68 -14.82
CA SER A 146 -16.93 -3.10 -13.51
C SER A 146 -17.87 -4.10 -12.82
N SER A 147 -18.11 -3.87 -11.55
CA SER A 147 -19.05 -4.74 -10.88
C SER A 147 -19.61 -4.01 -9.68
N GLU A 148 -20.94 -4.09 -9.48
CA GLU A 148 -21.61 -3.42 -8.38
C GLU A 148 -21.57 -4.31 -7.18
N ALA A 149 -21.54 -3.68 -6.00
CA ALA A 149 -21.44 -4.41 -4.73
C ALA A 149 -22.38 -5.59 -4.48
N GLY A 150 -23.67 -5.43 -4.76
CA GLY A 150 -24.59 -6.53 -4.61
C GLY A 150 -25.48 -6.46 -5.82
N GLY A 151 -26.76 -6.78 -5.68
CA GLY A 151 -27.67 -6.67 -6.79
C GLY A 151 -28.18 -7.97 -7.35
N SER A 152 -27.61 -9.08 -6.95
CA SER A 152 -28.06 -10.36 -7.51
C SER A 152 -28.59 -11.35 -6.48
N SER A 153 -29.53 -12.21 -6.89
CA SER A 153 -30.02 -13.21 -5.97
C SER A 153 -29.76 -14.57 -6.52
N SER A 154 -29.28 -15.44 -5.62
CA SER A 154 -28.95 -16.84 -5.89
C SER A 154 -30.23 -17.58 -6.26
N PHE A 155 -31.37 -17.02 -5.83
CA PHE A 155 -32.73 -17.56 -6.06
C PHE A 155 -33.71 -16.40 -6.20
N ALA A 156 -34.87 -16.65 -6.79
CA ALA A 156 -35.83 -15.54 -6.91
C ALA A 156 -36.50 -15.25 -5.56
N SER A 157 -36.19 -14.09 -4.98
CA SER A 157 -36.80 -13.67 -3.72
C SER A 157 -37.64 -12.48 -4.12
N ASN A 158 -38.55 -12.08 -3.24
CA ASN A 158 -39.42 -10.93 -3.50
C ASN A 158 -38.81 -9.88 -2.60
N ASN A 159 -37.99 -10.33 -1.66
CA ASN A 159 -37.34 -9.47 -0.71
C ASN A 159 -36.04 -8.89 -1.25
N ILE A 160 -36.00 -7.57 -1.36
CA ILE A 160 -34.81 -6.91 -1.88
C ILE A 160 -33.56 -7.24 -1.11
N TYR A 161 -33.66 -7.46 0.19
CA TYR A 161 -32.45 -7.75 0.92
C TYR A 161 -31.82 -9.06 0.51
N ASP A 162 -32.41 -9.75 -0.45
CA ASP A 162 -31.85 -11.03 -0.88
C ASP A 162 -30.88 -10.89 -2.02
N TYR A 163 -30.86 -9.67 -2.59
CA TYR A 163 -30.01 -9.27 -3.72
C TYR A 163 -28.73 -8.61 -3.23
N THR A 164 -27.86 -9.44 -2.69
CA THR A 164 -26.63 -8.97 -2.12
C THR A 164 -25.40 -9.54 -2.79
N ASN A 165 -25.65 -10.28 -3.86
CA ASN A 165 -24.55 -10.81 -4.65
C ASN A 165 -24.03 -9.74 -5.64
N GLU A 166 -22.70 -9.59 -5.65
CA GLU A 166 -21.99 -8.67 -6.54
C GLU A 166 -22.42 -9.02 -7.95
N THR A 167 -22.65 -8.00 -8.77
CA THR A 167 -23.06 -8.25 -10.12
C THR A 167 -22.10 -7.53 -11.08
N ALA A 168 -21.44 -8.32 -11.91
CA ALA A 168 -20.50 -7.83 -12.91
C ALA A 168 -21.27 -7.17 -14.02
N ASN A 169 -20.77 -6.06 -14.54
CA ASN A 169 -21.37 -5.37 -15.69
C ASN A 169 -20.24 -5.32 -16.76
N ASP A 170 -20.57 -5.42 -18.06
CA ASP A 170 -19.60 -5.39 -19.14
C ASP A 170 -19.86 -4.20 -20.03
N VAL A 171 -18.81 -3.51 -20.45
CA VAL A 171 -18.98 -2.42 -21.40
C VAL A 171 -18.26 -2.78 -22.67
N PHE A 172 -18.93 -2.51 -23.76
CA PHE A 172 -18.40 -2.77 -25.08
C PHE A 172 -18.40 -1.44 -25.74
N ASP A 173 -17.18 -0.98 -25.99
CA ASP A 173 -16.92 0.33 -26.51
C ASP A 173 -16.38 0.36 -27.93
N VAL A 174 -16.88 1.28 -28.75
CA VAL A 174 -16.39 1.43 -30.13
C VAL A 174 -16.26 2.91 -30.40
N ARG A 175 -15.07 3.35 -30.80
CA ARG A 175 -14.85 4.76 -31.07
C ARG A 175 -14.28 4.93 -32.46
N LEU A 176 -14.62 6.06 -33.07
CA LEU A 176 -14.15 6.43 -34.41
C LEU A 176 -13.73 7.89 -34.31
N ALA A 177 -12.43 8.11 -34.32
CA ALA A 177 -11.88 9.44 -34.14
C ALA A 177 -11.03 9.98 -35.25
N GLN A 178 -10.46 11.13 -34.91
CA GLN A 178 -9.58 11.93 -35.75
C GLN A 178 -10.19 12.19 -37.15
N MET A 179 -11.51 12.26 -37.22
CA MET A 179 -12.15 12.57 -38.49
C MET A 179 -12.17 14.08 -38.50
N GLU A 180 -11.66 14.66 -39.59
CA GLU A 180 -11.60 16.12 -39.76
C GLU A 180 -12.89 16.70 -40.40
N ILE A 181 -14.03 16.67 -39.70
CA ILE A 181 -15.26 17.24 -40.23
C ILE A 181 -14.94 18.64 -40.82
N ASN A 182 -13.93 19.35 -40.32
CA ASN A 182 -13.64 20.67 -40.89
C ASN A 182 -12.18 21.09 -40.64
N PRO A 183 -11.82 22.30 -41.07
CA PRO A 183 -10.44 22.74 -40.84
C PRO A 183 -10.23 23.28 -39.43
N GLY A 184 -9.34 22.59 -38.72
CA GLY A 184 -9.04 22.94 -37.33
C GLY A 184 -9.88 22.07 -36.40
N GLY A 185 -10.91 21.46 -36.98
CA GLY A 185 -11.82 20.63 -36.23
C GLY A 185 -11.79 19.15 -36.51
N THR A 186 -11.90 18.36 -35.45
CA THR A 186 -11.96 16.92 -35.57
C THR A 186 -13.23 16.48 -34.92
N LEU A 187 -13.66 15.28 -35.28
CA LEU A 187 -14.87 14.71 -34.74
C LEU A 187 -14.62 13.30 -34.26
N GLU A 188 -15.05 13.03 -33.03
CA GLU A 188 -14.96 11.68 -32.49
C GLU A 188 -16.38 11.23 -32.16
N LEU A 189 -16.68 10.01 -32.55
CA LEU A 189 -17.97 9.42 -32.30
C LEU A 189 -17.73 8.15 -31.54
N GLY A 190 -18.56 7.92 -30.52
CA GLY A 190 -18.42 6.69 -29.74
C GLY A 190 -19.74 6.05 -29.33
N VAL A 191 -19.74 4.74 -29.21
CA VAL A 191 -20.92 4.04 -28.77
C VAL A 191 -20.51 3.05 -27.70
N ASP A 192 -21.22 3.14 -26.59
CA ASP A 192 -21.00 2.27 -25.44
C ASP A 192 -22.24 1.48 -25.12
N TYR A 193 -22.10 0.17 -25.02
CA TYR A 193 -23.20 -0.67 -24.62
C TYR A 193 -22.85 -1.49 -23.41
N GLY A 194 -23.47 -1.19 -22.28
CA GLY A 194 -23.19 -1.90 -21.03
C GLY A 194 -24.33 -2.79 -20.58
N ARG A 195 -24.03 -3.86 -19.86
CA ARG A 195 -25.08 -4.76 -19.46
C ARG A 195 -24.66 -5.53 -18.20
N ALA A 196 -25.55 -5.73 -17.21
CA ALA A 196 -25.22 -6.51 -16.00
C ALA A 196 -25.08 -7.93 -16.54
N ASN A 197 -24.05 -8.65 -16.12
CA ASN A 197 -23.79 -9.99 -16.62
C ASN A 197 -23.92 -11.00 -15.49
N LEU A 198 -25.13 -11.57 -15.34
CA LEU A 198 -25.50 -12.50 -14.25
C LEU A 198 -24.97 -13.90 -14.25
N ARG A 199 -24.55 -14.39 -13.09
CA ARG A 199 -24.04 -15.75 -12.97
C ARG A 199 -25.15 -16.64 -13.38
N ASP A 200 -24.80 -17.84 -13.80
CA ASP A 200 -25.83 -18.77 -14.17
C ASP A 200 -26.69 -18.98 -12.95
N ASN A 201 -27.99 -18.83 -13.17
CA ASN A 201 -28.99 -19.01 -12.12
C ASN A 201 -29.18 -17.81 -11.16
N TYR A 202 -28.60 -16.64 -11.46
CA TYR A 202 -28.86 -15.54 -10.55
C TYR A 202 -29.91 -14.67 -11.14
N ARG A 203 -30.55 -13.90 -10.29
CA ARG A 203 -31.63 -13.06 -10.77
C ARG A 203 -31.44 -11.68 -10.24
N LEU A 204 -31.84 -10.70 -11.06
CA LEU A 204 -31.78 -9.31 -10.65
C LEU A 204 -33.18 -8.95 -10.23
N VAL A 205 -33.28 -7.87 -9.45
CA VAL A 205 -34.54 -7.35 -8.99
C VAL A 205 -35.49 -7.20 -10.19
N ASP A 206 -36.79 -7.06 -9.91
CA ASP A 206 -37.75 -6.90 -11.00
C ASP A 206 -37.71 -5.45 -11.38
N GLY A 207 -37.69 -5.24 -12.68
CA GLY A 207 -37.65 -3.87 -13.14
C GLY A 207 -36.24 -3.32 -13.17
N ALA A 208 -35.26 -4.11 -12.70
CA ALA A 208 -33.87 -3.67 -12.76
C ALA A 208 -33.65 -3.33 -14.24
N SER A 209 -33.03 -2.18 -14.47
CA SER A 209 -32.74 -1.67 -15.81
C SER A 209 -31.97 -2.63 -16.68
N LYS A 210 -31.05 -3.37 -16.07
CA LYS A 210 -30.21 -4.38 -16.74
C LYS A 210 -29.16 -3.92 -17.75
N ASP A 211 -29.48 -3.00 -18.63
CA ASP A 211 -28.52 -2.55 -19.62
C ASP A 211 -28.75 -1.12 -20.03
N GLY A 212 -27.98 -0.69 -21.03
CA GLY A 212 -28.10 0.68 -21.52
C GLY A 212 -27.09 1.05 -22.58
N TRP A 213 -27.16 2.32 -23.02
CA TRP A 213 -26.29 2.85 -24.04
C TRP A 213 -25.80 4.22 -23.71
N LEU A 214 -24.57 4.48 -24.12
CA LEU A 214 -24.02 5.84 -23.97
C LEU A 214 -23.56 6.25 -25.37
N PHE A 215 -23.97 7.43 -25.81
CA PHE A 215 -23.58 7.87 -27.11
C PHE A 215 -22.83 9.16 -26.93
N THR A 216 -21.63 9.20 -27.53
CA THR A 216 -20.76 10.38 -27.46
C THR A 216 -20.32 10.96 -28.81
N ALA A 217 -20.26 12.28 -28.87
CA ALA A 217 -19.81 12.99 -30.06
C ALA A 217 -19.01 14.16 -29.54
N GLU A 218 -17.71 14.13 -29.81
CA GLU A 218 -16.88 15.21 -29.36
C GLU A 218 -16.25 15.92 -30.54
N HIS A 219 -16.37 17.24 -30.56
CA HIS A 219 -15.77 18.02 -31.61
C HIS A 219 -14.69 18.90 -31.03
N THR A 220 -13.46 18.74 -31.52
CA THR A 220 -12.34 19.57 -31.06
C THR A 220 -11.95 20.56 -32.14
N GLN A 221 -11.93 21.82 -31.76
CA GLN A 221 -11.60 22.88 -32.67
C GLN A 221 -10.41 23.64 -32.15
N SER A 222 -9.39 23.68 -32.98
CA SER A 222 -8.17 24.40 -32.66
C SER A 222 -8.48 25.90 -32.67
N VAL A 223 -8.10 26.63 -31.63
CA VAL A 223 -8.45 28.04 -31.55
C VAL A 223 -7.59 28.81 -30.59
N LEU A 224 -7.28 30.04 -30.98
CA LEU A 224 -6.52 30.93 -30.14
C LEU A 224 -5.36 30.26 -29.48
N LYS A 225 -4.66 29.44 -30.23
CA LYS A 225 -3.52 28.74 -29.65
C LYS A 225 -4.00 27.78 -28.55
N GLY A 226 -5.27 27.38 -28.58
CA GLY A 226 -5.77 26.48 -27.56
C GLY A 226 -6.72 25.57 -28.26
N PHE A 227 -7.73 25.08 -27.57
CA PHE A 227 -8.70 24.24 -28.22
C PHE A 227 -10.01 24.58 -27.56
N ASN A 228 -11.07 24.07 -28.15
CA ASN A 228 -12.40 24.21 -27.62
C ASN A 228 -13.02 22.88 -27.94
N LYS A 229 -13.64 22.22 -26.96
CA LYS A 229 -14.30 20.97 -27.27
C LYS A 229 -15.77 21.16 -27.01
N PHE A 230 -16.55 20.54 -27.86
CA PHE A 230 -17.97 20.63 -27.72
C PHE A 230 -18.45 19.20 -27.66
N VAL A 231 -19.09 18.86 -26.55
CA VAL A 231 -19.56 17.49 -26.36
C VAL A 231 -21.05 17.39 -26.20
N VAL A 232 -21.57 16.30 -26.73
CA VAL A 232 -22.95 16.00 -26.60
C VAL A 232 -23.05 14.49 -26.34
N GLN A 233 -23.66 14.11 -25.21
CA GLN A 233 -23.80 12.71 -24.84
C GLN A 233 -25.23 12.43 -24.45
N TYR A 234 -25.62 11.17 -24.63
CA TYR A 234 -26.95 10.70 -24.33
C TYR A 234 -26.89 9.29 -23.81
N ALA A 235 -27.32 9.13 -22.57
CA ALA A 235 -27.31 7.81 -21.97
C ALA A 235 -28.73 7.31 -21.72
N THR A 236 -28.77 6.03 -21.58
CA THR A 236 -29.98 5.33 -21.42
C THR A 236 -29.91 4.35 -20.29
N ASP A 237 -30.87 4.42 -19.36
CA ASP A 237 -30.97 3.44 -18.27
C ASP A 237 -29.79 3.14 -17.41
N SER A 238 -29.31 1.91 -17.53
CA SER A 238 -28.22 1.46 -16.68
C SER A 238 -26.93 2.23 -16.80
N MET A 239 -26.86 3.15 -17.74
CA MET A 239 -25.67 3.94 -17.94
C MET A 239 -25.86 5.35 -17.40
N THR A 240 -27.01 5.62 -16.83
CA THR A 240 -27.28 6.96 -16.37
C THR A 240 -26.72 7.29 -15.02
N SER A 241 -26.59 6.30 -14.14
CA SER A 241 -26.13 6.58 -12.80
C SER A 241 -24.69 6.96 -12.73
N GLN A 242 -23.82 6.16 -13.35
CA GLN A 242 -22.41 6.52 -13.35
C GLN A 242 -22.24 7.62 -14.41
N GLY A 243 -22.90 7.48 -15.54
CA GLY A 243 -22.89 8.50 -16.56
C GLY A 243 -21.59 8.92 -17.15
N LYS A 244 -20.71 7.95 -17.38
CA LYS A 244 -19.40 8.22 -17.96
C LYS A 244 -18.97 7.05 -18.81
N GLY A 245 -19.85 6.08 -19.01
CA GLY A 245 -19.49 4.92 -19.79
C GLY A 245 -19.58 3.62 -19.02
N LEU A 246 -19.69 3.67 -17.69
CA LEU A 246 -19.80 2.45 -16.90
C LEU A 246 -21.26 2.04 -16.57
N SER A 247 -21.51 0.73 -16.56
CA SER A 247 -22.86 0.21 -16.30
C SER A 247 -23.19 -0.32 -14.92
N GLN A 248 -24.40 0.02 -14.47
CA GLN A 248 -24.94 -0.38 -13.18
C GLN A 248 -26.34 -0.89 -13.42
N GLY A 249 -26.46 -2.07 -14.00
CA GLY A 249 -27.77 -2.58 -14.30
C GLY A 249 -28.56 -3.25 -13.19
N SER A 250 -28.01 -3.46 -12.01
CA SER A 250 -28.76 -4.14 -10.98
C SER A 250 -29.79 -3.22 -10.30
N GLY A 251 -29.40 -1.97 -10.08
CA GLY A 251 -30.32 -1.03 -9.43
C GLY A 251 -30.52 -1.13 -7.90
N VAL A 252 -29.72 -1.97 -7.25
CA VAL A 252 -29.74 -2.19 -5.80
C VAL A 252 -28.50 -1.44 -5.23
N ALA A 253 -28.66 -0.83 -4.06
CA ALA A 253 -27.63 -0.07 -3.39
C ALA A 253 -27.69 -0.50 -1.94
N PHE A 254 -26.66 -0.20 -1.14
CA PHE A 254 -26.69 -0.59 0.26
C PHE A 254 -26.40 0.55 1.20
N ASP A 255 -27.11 0.62 2.32
CA ASP A 255 -26.84 1.68 3.29
C ASP A 255 -25.61 1.29 4.11
N ASN A 256 -25.19 2.13 5.04
CA ASN A 256 -23.99 1.79 5.83
C ASN A 256 -24.20 0.60 6.73
N GLU A 257 -25.47 0.19 6.91
CA GLU A 257 -25.81 -0.96 7.74
C GLU A 257 -26.09 -2.22 6.88
N LYS A 258 -25.46 -2.27 5.69
CA LYS A 258 -25.64 -3.38 4.76
C LYS A 258 -27.10 -3.59 4.28
N PHE A 259 -27.98 -2.60 4.42
CA PHE A 259 -29.36 -2.77 3.96
C PHE A 259 -29.51 -2.47 2.51
N ALA A 260 -30.08 -3.38 1.77
CA ALA A 260 -30.27 -3.14 0.37
C ALA A 260 -31.38 -2.13 0.14
N TYR A 261 -31.29 -1.40 -0.96
CA TYR A 261 -32.31 -0.46 -1.34
C TYR A 261 -32.39 -0.25 -2.84
N ASN A 262 -33.45 0.37 -3.31
CA ASN A 262 -33.63 0.49 -4.72
C ASN A 262 -33.38 1.82 -5.40
N ILE A 263 -32.17 1.93 -5.93
CA ILE A 263 -31.73 3.11 -6.67
C ILE A 263 -32.03 2.92 -8.18
N ASN A 264 -33.25 2.49 -8.54
CA ASN A 264 -33.69 2.22 -9.94
C ASN A 264 -33.26 3.31 -10.93
N ASN A 265 -32.46 2.94 -11.92
CA ASN A 265 -31.97 3.93 -12.89
C ASN A 265 -32.56 4.00 -14.31
N ASN A 266 -33.73 3.40 -14.53
CA ASN A 266 -34.36 3.47 -15.85
C ASN A 266 -34.62 4.91 -16.11
N GLY A 267 -34.33 5.33 -17.33
CA GLY A 267 -34.48 6.72 -17.63
C GLY A 267 -33.46 7.06 -18.66
N HIS A 268 -33.03 8.30 -18.69
CA HIS A 268 -32.04 8.67 -19.68
C HIS A 268 -31.31 9.90 -19.18
N MET A 269 -30.17 10.19 -19.82
CA MET A 269 -29.41 11.38 -19.45
C MET A 269 -29.03 12.12 -20.71
N LEU A 270 -29.08 13.45 -20.64
CA LEU A 270 -28.66 14.27 -21.75
C LEU A 270 -27.60 15.22 -21.22
N ARG A 271 -26.39 15.17 -21.80
CA ARG A 271 -25.27 16.02 -21.40
C ARG A 271 -24.75 16.78 -22.61
N ILE A 272 -24.68 18.09 -22.42
CA ILE A 272 -24.18 19.02 -23.43
C ILE A 272 -23.11 19.87 -22.73
N LEU A 273 -21.89 19.65 -23.20
CA LEU A 273 -20.68 20.25 -22.65
C LEU A 273 -19.87 21.09 -23.64
N ASP A 274 -19.31 22.17 -23.12
CA ASP A 274 -18.39 22.94 -23.88
C ASP A 274 -17.33 23.52 -22.94
N HIS A 275 -16.09 23.11 -23.19
CA HIS A 275 -14.95 23.58 -22.41
C HIS A 275 -13.73 23.73 -23.33
N GLY A 276 -12.70 24.39 -22.82
CA GLY A 276 -11.46 24.54 -23.56
C GLY A 276 -10.55 25.49 -22.86
N ALA A 277 -9.39 25.71 -23.46
CA ALA A 277 -8.42 26.68 -22.95
C ALA A 277 -7.90 27.44 -24.20
N ILE A 278 -7.85 28.76 -24.08
CA ILE A 278 -7.41 29.63 -25.14
C ILE A 278 -6.44 30.63 -24.56
N SER A 279 -5.44 30.96 -25.35
CA SER A 279 -4.45 31.97 -24.95
C SER A 279 -4.90 33.16 -25.77
N MET A 280 -4.96 34.31 -25.12
CA MET A 280 -5.38 35.52 -25.81
C MET A 280 -4.24 36.53 -25.67
N GLY A 281 -3.29 36.42 -26.57
CA GLY A 281 -2.16 37.32 -26.46
C GLY A 281 -0.97 36.68 -25.79
N ASP A 282 -0.17 37.50 -25.12
CA ASP A 282 1.04 37.01 -24.50
C ASP A 282 0.86 36.94 -23.02
N ASN A 283 -0.01 37.77 -22.45
CA ASN A 283 -0.19 37.79 -20.99
C ASN A 283 -1.41 37.06 -20.37
N TRP A 284 -2.19 36.42 -21.22
CA TRP A 284 -3.35 35.75 -20.71
C TRP A 284 -3.62 34.42 -21.27
N ASP A 285 -4.04 33.59 -20.34
CA ASP A 285 -4.47 32.24 -20.63
C ASP A 285 -5.79 32.16 -19.84
N MET A 286 -6.67 31.31 -20.31
CA MET A 286 -7.93 31.13 -19.64
C MET A 286 -8.65 29.86 -20.00
N MET A 287 -9.04 29.06 -19.00
CA MET A 287 -9.85 27.88 -19.34
C MET A 287 -11.28 28.18 -18.92
N TYR A 288 -12.22 27.47 -19.55
CA TYR A 288 -13.64 27.65 -19.26
C TYR A 288 -14.51 26.41 -19.49
N VAL A 289 -15.60 26.31 -18.70
CA VAL A 289 -16.56 25.20 -18.87
C VAL A 289 -17.90 25.84 -18.82
N GLY A 290 -18.81 25.10 -19.45
CA GLY A 290 -20.21 25.42 -19.50
C GLY A 290 -20.92 24.08 -19.72
N MET A 291 -21.79 23.67 -18.81
CA MET A 291 -22.47 22.38 -19.00
C MET A 291 -23.90 22.34 -18.50
N TYR A 292 -24.69 21.52 -19.16
CA TYR A 292 -26.05 21.33 -18.74
C TYR A 292 -26.29 19.84 -18.75
N GLN A 293 -26.51 19.26 -17.57
CA GLN A 293 -26.74 17.81 -17.44
C GLN A 293 -28.12 17.54 -16.86
N ASP A 294 -28.87 16.71 -17.58
CA ASP A 294 -30.22 16.36 -17.21
C ASP A 294 -30.40 14.88 -17.06
N ILE A 295 -30.43 14.40 -15.81
CA ILE A 295 -30.64 12.98 -15.48
C ILE A 295 -32.11 12.89 -15.14
N ASN A 296 -32.84 12.24 -16.02
CA ASN A 296 -34.26 12.12 -15.87
C ASN A 296 -34.61 10.67 -15.59
N TRP A 297 -35.01 10.39 -14.37
CA TRP A 297 -35.35 9.01 -14.07
C TRP A 297 -36.79 8.67 -13.93
N ASP A 298 -37.06 7.42 -14.18
CA ASP A 298 -38.39 6.94 -14.03
C ASP A 298 -38.88 7.09 -12.60
N ASN A 299 -38.01 6.95 -11.62
CA ASN A 299 -38.45 7.10 -10.26
C ASN A 299 -38.55 8.54 -9.83
N ASP A 300 -38.34 9.47 -10.75
CA ASP A 300 -38.42 10.87 -10.38
C ASP A 300 -37.33 11.43 -9.49
N ASN A 301 -36.24 10.71 -9.28
CA ASN A 301 -35.23 11.27 -8.42
C ASN A 301 -34.03 11.83 -9.15
N GLY A 302 -34.11 11.99 -10.47
CA GLY A 302 -33.01 12.57 -11.24
C GLY A 302 -32.72 14.02 -10.83
N THR A 303 -31.95 14.74 -11.64
CA THR A 303 -31.58 16.15 -11.36
C THR A 303 -31.32 16.86 -12.67
N LYS A 304 -31.39 18.20 -12.69
CA LYS A 304 -31.11 18.99 -13.90
C LYS A 304 -30.03 19.94 -13.41
N TRP A 305 -28.81 19.79 -13.93
CA TRP A 305 -27.63 20.54 -13.49
C TRP A 305 -27.05 21.51 -14.53
N TRP A 306 -26.63 22.69 -14.07
CA TRP A 306 -26.00 23.69 -14.95
C TRP A 306 -24.74 24.19 -14.28
N THR A 307 -23.61 24.23 -14.99
CA THR A 307 -22.37 24.83 -14.42
C THR A 307 -21.76 25.76 -15.43
N VAL A 308 -21.05 26.73 -14.91
CA VAL A 308 -20.32 27.66 -15.74
C VAL A 308 -19.24 28.24 -14.86
N GLY A 309 -18.04 28.31 -15.43
CA GLY A 309 -16.90 28.86 -14.71
C GLY A 309 -15.83 29.20 -15.70
N ILE A 310 -14.91 30.06 -15.27
CA ILE A 310 -13.78 30.48 -16.09
C ILE A 310 -12.60 30.58 -15.16
N ARG A 311 -11.41 30.36 -15.72
CA ARG A 311 -10.19 30.44 -14.95
C ARG A 311 -9.21 31.23 -15.80
N PRO A 312 -9.22 32.52 -15.61
CA PRO A 312 -8.31 33.36 -16.37
C PRO A 312 -6.99 33.48 -15.60
N MET A 313 -5.87 33.34 -16.31
CA MET A 313 -4.52 33.42 -15.75
C MET A 313 -3.84 34.57 -16.44
N TYR A 314 -3.21 35.43 -15.65
CA TYR A 314 -2.49 36.56 -16.23
C TYR A 314 -1.03 36.40 -15.81
N LYS A 315 -0.15 36.28 -16.79
CA LYS A 315 1.26 36.05 -16.49
C LYS A 315 2.08 37.28 -16.23
N TRP A 316 2.64 37.38 -15.05
CA TRP A 316 3.48 38.49 -14.71
C TRP A 316 4.88 38.24 -15.23
N THR A 317 5.27 36.99 -15.11
CA THR A 317 6.58 36.52 -15.46
C THR A 317 6.38 35.21 -16.14
N PRO A 318 7.42 34.67 -16.76
CA PRO A 318 7.17 33.38 -17.41
C PRO A 318 6.89 32.30 -16.41
N ILE A 319 7.34 32.50 -15.17
CA ILE A 319 7.10 31.52 -14.14
C ILE A 319 6.22 32.02 -12.97
N MET A 320 5.53 33.14 -13.11
CA MET A 320 4.70 33.60 -12.01
C MET A 320 3.44 34.24 -12.51
N SER A 321 2.32 33.94 -11.86
CA SER A 321 1.07 34.52 -12.30
C SER A 321 0.05 34.65 -11.24
N THR A 322 -1.06 35.18 -11.67
CA THR A 322 -2.16 35.36 -10.79
C THR A 322 -3.27 34.65 -11.47
N VAL A 323 -3.75 33.58 -10.83
CA VAL A 323 -4.86 32.78 -11.37
C VAL A 323 -6.13 33.16 -10.62
N MET A 324 -7.25 33.09 -11.30
CA MET A 324 -8.50 33.38 -10.65
C MET A 324 -9.56 32.43 -11.18
N GLU A 325 -10.38 31.88 -10.29
CA GLU A 325 -11.44 30.99 -10.77
C GLU A 325 -12.77 31.44 -10.24
N ILE A 326 -13.79 31.30 -11.08
CA ILE A 326 -15.15 31.70 -10.72
C ILE A 326 -16.11 30.63 -11.24
N GLY A 327 -16.79 29.98 -10.31
CA GLY A 327 -17.70 28.92 -10.72
C GLY A 327 -19.08 29.06 -10.15
N TYR A 328 -20.04 28.60 -10.93
CA TYR A 328 -21.43 28.65 -10.54
C TYR A 328 -22.16 27.37 -10.85
N ASP A 329 -22.81 26.83 -9.82
CA ASP A 329 -23.61 25.62 -9.96
C ASP A 329 -25.06 25.89 -9.62
N ASN A 330 -25.93 25.13 -10.25
CA ASN A 330 -27.34 25.23 -9.94
C ASN A 330 -27.99 23.91 -10.32
N VAL A 331 -28.37 23.14 -9.29
CA VAL A 331 -29.01 21.83 -9.48
C VAL A 331 -30.45 21.88 -9.02
N GLU A 332 -31.36 21.38 -9.84
CA GLU A 332 -32.77 21.37 -9.47
C GLU A 332 -33.24 19.94 -9.20
N SER A 333 -33.99 19.72 -8.13
CA SER A 333 -34.43 18.36 -7.85
C SER A 333 -35.47 17.89 -8.79
N GLN A 334 -35.30 16.72 -9.36
CA GLN A 334 -36.36 16.24 -10.22
C GLN A 334 -37.59 15.95 -9.35
N ARG A 335 -37.42 15.21 -8.25
CA ARG A 335 -38.53 14.85 -7.37
C ARG A 335 -39.25 16.05 -6.78
N THR A 336 -38.53 17.07 -6.38
CA THR A 336 -39.20 18.18 -5.72
C THR A 336 -39.24 19.52 -6.41
N GLY A 337 -38.66 19.61 -7.59
CA GLY A 337 -38.65 20.90 -8.24
C GLY A 337 -37.85 21.98 -7.51
N ASP A 338 -37.27 21.75 -6.32
CA ASP A 338 -36.48 22.83 -5.70
C ASP A 338 -35.08 23.06 -6.33
N LYS A 339 -34.43 24.15 -5.92
CA LYS A 339 -33.12 24.45 -6.45
C LYS A 339 -32.03 24.80 -5.49
N ASN A 340 -30.90 24.15 -5.70
CA ASN A 340 -29.69 24.37 -4.91
C ASN A 340 -28.73 25.14 -5.83
N ASN A 341 -27.97 26.07 -5.29
CA ASN A 341 -26.99 26.72 -6.12
C ASN A 341 -25.87 27.33 -5.33
N GLN A 342 -24.77 27.60 -6.02
CA GLN A 342 -23.60 28.18 -5.38
C GLN A 342 -22.69 28.81 -6.38
N TYR A 343 -21.97 29.80 -5.89
CA TYR A 343 -20.96 30.45 -6.69
C TYR A 343 -19.68 30.52 -5.87
N LYS A 344 -18.58 30.09 -6.51
CA LYS A 344 -17.29 30.09 -5.84
C LYS A 344 -16.41 31.07 -6.57
N ILE A 345 -15.69 31.89 -5.82
CA ILE A 345 -14.80 32.86 -6.42
C ILE A 345 -13.42 32.68 -5.73
N THR A 346 -12.42 32.13 -6.42
CA THR A 346 -11.08 31.95 -5.82
C THR A 346 -10.05 32.86 -6.48
N LEU A 347 -9.07 33.30 -5.72
CA LEU A 347 -8.04 34.15 -6.27
C LEU A 347 -6.68 33.61 -5.81
N ALA A 348 -5.78 33.28 -6.74
CA ALA A 348 -4.49 32.71 -6.35
C ALA A 348 -3.28 33.32 -7.04
N GLN A 349 -2.17 33.24 -6.34
CA GLN A 349 -0.89 33.73 -6.82
C GLN A 349 -0.02 32.48 -6.97
N GLN A 350 0.31 32.06 -8.19
CA GLN A 350 1.13 30.89 -8.29
C GLN A 350 2.46 31.04 -9.01
N TRP A 351 3.29 29.98 -8.94
CA TRP A 351 4.60 29.86 -9.58
C TRP A 351 4.57 28.57 -10.38
N GLN A 352 4.62 28.57 -11.72
CA GLN A 352 4.60 27.30 -12.46
C GLN A 352 5.90 27.02 -13.14
N ALA A 353 6.04 25.80 -13.62
CA ALA A 353 7.23 25.43 -14.34
C ALA A 353 6.79 25.58 -15.79
N GLY A 354 6.48 26.81 -16.20
CA GLY A 354 6.07 27.02 -17.57
C GLY A 354 5.29 28.30 -17.69
N ASP A 355 4.99 28.79 -18.90
CA ASP A 355 4.21 30.03 -19.06
C ASP A 355 2.79 29.62 -19.48
N SER A 356 2.39 28.37 -19.25
CA SER A 356 1.05 27.95 -19.62
C SER A 356 0.11 27.80 -18.45
N ILE A 357 -1.18 27.77 -18.77
CA ILE A 357 -2.18 27.56 -17.74
C ILE A 357 -2.19 26.03 -17.54
N TRP A 358 -1.53 25.34 -18.45
CA TRP A 358 -1.43 23.90 -18.39
C TRP A 358 -0.07 23.43 -17.84
N SER A 359 0.79 24.35 -17.40
CA SER A 359 2.08 23.88 -16.95
C SER A 359 2.12 23.53 -15.49
N ARG A 360 2.66 22.35 -15.18
CA ARG A 360 2.80 21.84 -13.81
C ARG A 360 4.28 21.47 -13.64
N PRO A 361 4.87 21.53 -12.41
CA PRO A 361 4.43 21.81 -11.05
C PRO A 361 3.82 23.13 -11.04
N ALA A 362 3.17 23.47 -9.95
CA ALA A 362 2.53 24.77 -9.72
C ALA A 362 2.41 24.83 -8.21
N ILE A 363 2.78 25.95 -7.63
CA ILE A 363 2.67 26.08 -6.21
C ILE A 363 1.78 27.29 -6.06
N ARG A 364 0.64 27.14 -5.41
CA ARG A 364 -0.31 28.23 -5.23
C ARG A 364 -0.52 28.68 -3.81
N VAL A 365 -0.83 29.96 -3.66
CA VAL A 365 -1.16 30.52 -2.37
C VAL A 365 -2.50 31.15 -2.73
N PHE A 366 -3.59 30.67 -2.14
CA PHE A 366 -4.93 31.16 -2.55
C PHE A 366 -5.83 31.54 -1.40
N ALA A 367 -6.99 32.07 -1.79
CA ALA A 367 -8.04 32.46 -0.87
C ALA A 367 -9.25 32.14 -1.67
N THR A 368 -10.19 31.45 -1.03
CA THR A 368 -11.45 31.06 -1.66
C THR A 368 -12.63 31.57 -0.85
N TYR A 369 -13.71 31.87 -1.56
CA TYR A 369 -14.99 32.31 -0.97
C TYR A 369 -16.17 31.67 -1.66
N ALA A 370 -17.02 31.05 -0.87
CA ALA A 370 -18.19 30.46 -1.45
C ALA A 370 -19.40 30.91 -0.67
N LYS A 371 -20.49 31.05 -1.40
CA LYS A 371 -21.74 31.46 -0.83
C LYS A 371 -22.80 30.61 -1.51
N TRP A 372 -23.51 29.80 -0.71
CA TRP A 372 -24.58 28.92 -1.24
C TRP A 372 -25.96 29.13 -0.62
N ASP A 373 -26.92 28.41 -1.16
CA ASP A 373 -28.28 28.52 -0.74
C ASP A 373 -28.92 27.30 -1.32
N GLU A 374 -28.98 26.23 -0.51
CA GLU A 374 -29.59 24.98 -0.93
C GLU A 374 -30.99 24.79 -0.32
N LYS A 375 -31.96 24.49 -1.17
CA LYS A 375 -33.36 24.29 -0.77
C LYS A 375 -33.87 22.83 -0.78
N TRP A 376 -32.93 21.88 -0.83
CA TRP A 376 -33.25 20.46 -0.83
C TRP A 376 -32.00 19.65 -0.64
N GLY A 377 -32.13 18.43 -0.15
CA GLY A 377 -30.98 17.59 0.06
C GLY A 377 -31.49 16.18 -0.04
N TYR A 378 -30.65 15.18 0.19
CA TYR A 378 -31.10 13.79 0.12
C TYR A 378 -31.38 13.28 1.50
N ASP A 379 -32.37 12.40 1.61
CA ASP A 379 -32.67 11.91 2.91
C ASP A 379 -31.85 10.72 3.20
N TYR A 380 -30.81 10.95 3.97
CA TYR A 380 -29.95 9.86 4.33
C TYR A 380 -30.05 9.63 5.80
N THR A 381 -31.10 10.13 6.42
CA THR A 381 -31.27 9.89 7.83
C THR A 381 -31.83 8.52 7.93
N GLY A 382 -31.56 7.88 9.04
CA GLY A 382 -32.11 6.57 9.21
C GLY A 382 -31.41 5.37 8.66
N ASN A 383 -32.20 4.56 7.98
CA ASN A 383 -31.74 3.28 7.55
C ASN A 383 -32.42 3.00 6.25
N ALA A 384 -31.89 2.10 5.45
CA ALA A 384 -32.61 1.77 4.24
C ALA A 384 -33.87 1.06 4.79
N ASP A 385 -33.75 0.45 5.99
CA ASP A 385 -34.87 -0.25 6.67
C ASP A 385 -35.79 0.74 7.45
N ASN A 386 -35.22 1.57 8.34
CA ASN A 386 -36.02 2.57 9.11
C ASN A 386 -36.71 3.57 8.18
N ASN A 387 -35.94 4.09 7.24
CA ASN A 387 -36.41 5.10 6.32
C ASN A 387 -36.98 4.55 5.07
N ALA A 388 -37.89 5.30 4.49
CA ALA A 388 -38.49 4.87 3.25
C ALA A 388 -38.21 5.94 2.20
N ASN A 389 -37.81 7.12 2.65
CA ASN A 389 -37.45 8.16 1.73
C ASN A 389 -35.95 8.10 1.66
N PHE A 390 -35.38 7.05 2.27
CA PHE A 390 -33.96 6.88 2.32
C PHE A 390 -33.36 6.99 0.95
N GLY A 391 -32.48 7.98 0.78
CA GLY A 391 -31.83 8.25 -0.50
C GLY A 391 -32.60 9.12 -1.49
N LYS A 392 -33.66 9.78 -1.06
CA LYS A 392 -34.47 10.57 -1.95
C LYS A 392 -34.27 12.02 -1.77
N ALA A 393 -34.56 12.78 -2.81
CA ALA A 393 -34.43 14.22 -2.71
C ALA A 393 -35.57 14.64 -1.79
N VAL A 394 -35.34 15.63 -0.96
CA VAL A 394 -36.34 16.02 0.01
C VAL A 394 -36.10 17.49 0.26
N PRO A 395 -37.13 18.22 0.61
CA PRO A 395 -36.89 19.66 0.84
C PRO A 395 -36.01 19.95 2.00
N ALA A 396 -35.44 21.12 1.97
CA ALA A 396 -34.54 21.54 3.00
C ALA A 396 -35.04 21.36 4.41
N ASP A 397 -36.34 21.48 4.60
CA ASP A 397 -36.91 21.39 5.96
C ASP A 397 -37.85 20.22 6.15
N PHE A 398 -37.87 19.33 5.17
CA PHE A 398 -38.72 18.20 5.23
C PHE A 398 -38.83 17.59 6.59
N ASN A 399 -40.07 17.43 7.01
CA ASN A 399 -40.43 16.82 8.30
C ASN A 399 -39.66 17.43 9.43
N GLY A 400 -39.53 18.75 9.34
CA GLY A 400 -38.82 19.51 10.35
C GLY A 400 -37.31 19.26 10.43
N GLY A 401 -36.79 18.53 9.44
CA GLY A 401 -35.37 18.26 9.42
C GLY A 401 -34.58 19.37 8.78
N SER A 402 -33.31 19.05 8.54
CA SER A 402 -32.39 19.96 7.89
C SER A 402 -31.78 19.06 6.80
N PHE A 403 -32.00 19.45 5.55
CA PHE A 403 -31.49 18.72 4.40
C PHE A 403 -30.87 19.76 3.49
N GLY A 404 -29.66 19.46 3.02
CA GLY A 404 -28.96 20.41 2.17
C GLY A 404 -28.00 21.20 3.03
N ARG A 405 -27.14 22.00 2.40
CA ARG A 405 -26.15 22.77 3.11
C ARG A 405 -26.66 24.05 3.70
N GLY A 406 -27.90 24.41 3.39
CA GLY A 406 -28.38 25.63 3.94
C GLY A 406 -28.15 26.83 3.05
N ASP A 407 -28.07 27.97 3.66
CA ASP A 407 -27.92 29.18 2.92
C ASP A 407 -26.86 29.84 3.70
N SER A 408 -25.64 29.85 3.16
CA SER A 408 -24.55 30.43 3.88
C SER A 408 -23.36 30.91 3.05
N ASP A 409 -22.29 31.15 3.77
CA ASP A 409 -21.04 31.65 3.27
C ASP A 409 -19.93 30.90 3.87
N GLU A 410 -18.72 31.25 3.44
CA GLU A 410 -17.49 30.74 4.00
C GLU A 410 -16.35 31.09 3.12
N TRP A 411 -15.20 31.24 3.73
CA TRP A 411 -14.00 31.53 2.99
C TRP A 411 -12.88 30.74 3.59
N THR A 412 -11.97 30.31 2.74
CA THR A 412 -10.83 29.53 3.17
C THR A 412 -9.61 30.14 2.51
N PHE A 413 -8.45 29.56 2.81
CA PHE A 413 -7.20 29.99 2.23
C PHE A 413 -6.06 29.07 2.58
N GLY A 414 -5.04 29.02 1.73
CA GLY A 414 -3.90 28.18 2.01
C GLY A 414 -2.94 28.10 0.86
N ALA A 415 -2.01 27.15 0.94
CA ALA A 415 -0.99 26.95 -0.07
C ALA A 415 -1.13 25.53 -0.58
N GLN A 416 -0.92 25.30 -1.86
CA GLN A 416 -1.08 23.96 -2.40
C GLN A 416 -0.10 23.76 -3.54
N MET A 417 0.16 22.51 -3.91
CA MET A 417 1.07 22.14 -4.97
C MET A 417 0.27 21.23 -5.88
N GLU A 418 0.48 21.27 -7.19
CA GLU A 418 -0.21 20.34 -8.08
C GLU A 418 0.77 19.99 -9.14
N ILE A 419 0.78 18.74 -9.59
CA ILE A 419 1.75 18.34 -10.58
C ILE A 419 1.42 17.09 -11.31
N TRP A 420 1.51 17.09 -12.63
CA TRP A 420 1.40 15.81 -13.33
C TRP A 420 2.76 15.73 -14.00
N TRP A 421 3.34 14.54 -14.12
CA TRP A 421 4.68 14.39 -14.70
C TRP A 421 4.80 13.13 -15.48
N VAL B 1 18.07 3.17 -10.57
CA VAL B 1 17.32 2.12 -9.82
C VAL B 1 17.02 0.97 -10.75
N ASP B 2 17.02 -0.25 -10.26
CA ASP B 2 16.66 -1.40 -11.10
C ASP B 2 15.18 -1.63 -10.90
N PHE B 3 14.48 -1.96 -11.95
CA PHE B 3 13.06 -2.16 -11.83
C PHE B 3 12.75 -3.52 -12.36
N HIS B 4 12.27 -4.40 -11.48
CA HIS B 4 11.90 -5.74 -11.86
C HIS B 4 10.57 -6.10 -11.26
N GLY B 5 10.03 -7.23 -11.67
CA GLY B 5 8.75 -7.67 -11.13
C GLY B 5 8.08 -8.83 -11.84
N TYR B 6 6.75 -8.87 -11.72
CA TYR B 6 5.93 -9.92 -12.35
C TYR B 6 4.54 -9.33 -12.34
N ALA B 7 3.67 -9.67 -13.28
CA ALA B 7 2.33 -9.11 -13.20
C ALA B 7 1.49 -9.90 -14.14
N ARG B 8 0.20 -10.04 -13.90
CA ARG B 8 -0.74 -10.75 -14.82
C ARG B 8 -1.99 -10.03 -14.51
N SER B 9 -2.75 -9.71 -15.53
CA SER B 9 -3.96 -8.97 -15.32
C SER B 9 -4.76 -9.26 -16.58
N GLY B 10 -6.08 -9.25 -16.51
CA GLY B 10 -6.86 -9.59 -17.70
C GLY B 10 -8.36 -9.44 -17.44
N ILE B 11 -9.19 -9.96 -18.36
CA ILE B 11 -10.64 -9.88 -18.23
C ILE B 11 -11.16 -11.20 -18.77
N GLY B 12 -12.15 -11.79 -18.12
CA GLY B 12 -12.66 -13.07 -18.58
C GLY B 12 -14.17 -13.14 -18.45
N TRP B 13 -14.74 -14.21 -19.03
CA TRP B 13 -16.19 -14.52 -19.04
C TRP B 13 -16.50 -16.02 -18.81
N THR B 14 -17.60 -16.31 -18.12
CA THR B 14 -17.93 -17.71 -17.92
C THR B 14 -18.94 -18.16 -18.94
N GLY B 15 -18.66 -19.28 -19.57
CA GLY B 15 -19.58 -19.76 -20.58
C GLY B 15 -21.02 -19.66 -20.11
N SER B 16 -21.33 -20.25 -18.95
CA SER B 16 -22.68 -20.20 -18.37
C SER B 16 -23.18 -18.86 -17.82
N GLY B 17 -22.31 -17.87 -17.62
CA GLY B 17 -22.72 -16.56 -17.13
C GLY B 17 -21.77 -15.87 -16.16
N GLY B 18 -21.75 -14.54 -16.18
CA GLY B 18 -20.93 -13.74 -15.28
C GLY B 18 -19.43 -13.78 -15.48
N GLU B 19 -18.66 -13.15 -14.61
CA GLU B 19 -17.23 -13.15 -14.82
C GLU B 19 -16.58 -14.47 -14.83
N GLN B 20 -15.37 -14.46 -15.32
CA GLN B 20 -14.61 -15.68 -15.42
C GLN B 20 -14.37 -16.37 -14.11
N GLN B 21 -14.49 -17.69 -14.14
CA GLN B 21 -14.20 -18.52 -12.99
C GLN B 21 -13.01 -19.38 -13.25
N CYS B 22 -12.34 -19.78 -12.19
CA CYS B 22 -11.16 -20.60 -12.30
C CYS B 22 -11.40 -22.02 -11.74
N PHE B 23 -10.72 -23.03 -12.26
CA PHE B 23 -11.00 -24.38 -11.84
C PHE B 23 -9.90 -25.11 -11.17
N GLN B 24 -10.12 -25.55 -9.93
CA GLN B 24 -9.09 -26.29 -9.24
C GLN B 24 -9.65 -27.51 -8.47
N THR B 25 -9.08 -28.68 -8.70
CA THR B 25 -9.52 -29.87 -8.04
C THR B 25 -9.40 -29.77 -6.53
N THR B 26 -10.51 -30.11 -5.84
CA THR B 26 -10.58 -30.08 -4.37
C THR B 26 -9.55 -31.07 -3.84
N GLY B 27 -8.65 -30.59 -3.00
CA GLY B 27 -7.63 -31.47 -2.50
C GLY B 27 -6.33 -31.25 -3.28
N ALA B 28 -6.37 -30.75 -4.53
CA ALA B 28 -5.13 -30.48 -5.28
C ALA B 28 -4.53 -29.18 -4.74
N GLN B 29 -3.21 -29.10 -4.67
CA GLN B 29 -2.56 -27.87 -4.21
C GLN B 29 -2.26 -26.86 -5.33
N SER B 30 -2.71 -27.12 -6.54
CA SER B 30 -2.49 -26.23 -7.67
C SER B 30 -3.55 -26.46 -8.73
N LYS B 31 -3.51 -25.67 -9.79
CA LYS B 31 -4.41 -25.83 -10.92
C LYS B 31 -3.55 -25.45 -12.15
N TYR B 32 -3.95 -25.88 -13.34
CA TYR B 32 -3.22 -25.58 -14.57
C TYR B 32 -3.57 -24.16 -14.89
N ARG B 33 -2.58 -23.28 -14.84
CA ARG B 33 -2.81 -21.88 -15.04
C ARG B 33 -3.26 -21.23 -16.34
N LEU B 34 -2.93 -21.76 -17.49
CA LEU B 34 -3.25 -21.03 -18.72
C LEU B 34 -4.74 -20.81 -18.90
N GLY B 35 -5.18 -19.58 -18.94
CA GLY B 35 -6.59 -19.33 -19.13
C GLY B 35 -7.38 -19.88 -17.96
N ASN B 36 -6.82 -19.72 -16.78
CA ASN B 36 -7.40 -20.21 -15.56
C ASN B 36 -6.84 -19.43 -14.33
N GLU B 37 -6.54 -18.14 -14.51
CA GLU B 37 -6.08 -17.32 -13.40
C GLU B 37 -7.09 -16.22 -13.32
N CYS B 38 -7.59 -15.98 -12.12
CA CYS B 38 -8.65 -15.00 -11.90
C CYS B 38 -8.29 -13.77 -11.08
N GLU B 39 -7.03 -13.38 -10.93
CA GLU B 39 -6.72 -12.15 -10.16
C GLU B 39 -5.75 -11.33 -10.94
N THR B 40 -5.53 -10.10 -10.51
CA THR B 40 -4.51 -9.26 -11.09
C THR B 40 -3.55 -9.39 -9.95
N TYR B 41 -2.38 -9.97 -10.19
CA TYR B 41 -1.34 -10.15 -9.16
C TYR B 41 -0.15 -9.38 -9.68
N ALA B 42 0.64 -8.75 -8.84
CA ALA B 42 1.78 -7.99 -9.32
C ALA B 42 2.82 -7.77 -8.28
N GLU B 43 4.09 -7.98 -8.60
CA GLU B 43 5.19 -7.67 -7.68
C GLU B 43 6.04 -6.56 -8.31
N LEU B 44 6.33 -5.50 -7.59
CA LEU B 44 7.13 -4.42 -8.16
C LEU B 44 8.39 -4.31 -7.40
N LYS B 45 9.51 -4.75 -7.98
CA LYS B 45 10.78 -4.66 -7.27
C LYS B 45 11.55 -3.40 -7.68
N LEU B 46 12.23 -2.75 -6.74
CA LEU B 46 13.05 -1.58 -7.01
C LEU B 46 14.38 -1.84 -6.29
N GLY B 47 15.43 -2.28 -6.99
CA GLY B 47 16.66 -2.51 -6.24
C GLY B 47 17.76 -1.60 -6.75
N GLN B 48 18.96 -1.82 -6.26
CA GLN B 48 20.06 -1.01 -6.71
C GLN B 48 21.34 -1.43 -6.09
N GLU B 49 22.40 -1.56 -6.89
CA GLU B 49 23.72 -1.95 -6.35
C GLU B 49 24.21 -0.70 -5.69
N VAL B 50 24.29 -0.66 -4.38
CA VAL B 50 24.66 0.59 -3.76
C VAL B 50 26.13 0.86 -3.54
N TRP B 51 27.00 -0.13 -3.78
CA TRP B 51 28.42 0.14 -3.56
C TRP B 51 29.19 -0.94 -4.20
N LYS B 52 30.25 -0.55 -4.90
CA LYS B 52 31.09 -1.51 -5.57
C LYS B 52 32.51 -1.09 -5.58
N GLU B 53 33.40 -1.97 -5.18
CA GLU B 53 34.81 -1.65 -5.22
C GLU B 53 35.58 -2.80 -5.77
N GLY B 54 35.81 -2.74 -7.08
CA GLY B 54 36.53 -3.82 -7.68
C GLY B 54 35.59 -4.97 -7.74
N ASP B 55 35.92 -6.04 -7.05
CA ASP B 55 35.07 -7.26 -7.04
C ASP B 55 33.89 -7.20 -6.05
N LYS B 56 34.03 -6.35 -5.04
CA LYS B 56 33.05 -6.21 -4.00
C LYS B 56 31.91 -5.28 -4.25
N SER B 57 30.72 -5.69 -3.88
CA SER B 57 29.56 -4.81 -4.01
C SER B 57 28.51 -5.15 -2.97
N PHE B 58 27.60 -4.18 -2.75
CA PHE B 58 26.46 -4.33 -1.86
C PHE B 58 25.28 -4.05 -2.73
N TYR B 59 24.39 -5.02 -2.84
CA TYR B 59 23.15 -4.87 -3.61
C TYR B 59 21.95 -4.75 -2.67
N PHE B 60 21.03 -3.82 -2.93
CA PHE B 60 19.84 -3.63 -2.11
C PHE B 60 18.64 -3.93 -2.96
N ASP B 61 17.84 -4.90 -2.52
CA ASP B 61 16.60 -5.37 -3.19
C ASP B 61 15.29 -5.24 -2.35
N THR B 62 14.17 -4.87 -2.99
CA THR B 62 12.89 -4.76 -2.28
C THR B 62 11.77 -5.38 -3.10
N ASN B 63 10.61 -5.60 -2.50
CA ASN B 63 9.48 -6.19 -3.27
C ASN B 63 8.14 -5.89 -2.59
N VAL B 64 7.20 -5.32 -3.31
CA VAL B 64 5.93 -4.96 -2.74
C VAL B 64 4.89 -5.60 -3.62
N ALA B 65 4.11 -6.57 -3.12
CA ALA B 65 3.09 -7.29 -3.92
C ALA B 65 1.62 -6.85 -3.73
N TYR B 66 0.89 -6.85 -4.83
CA TYR B 66 -0.48 -6.44 -4.84
C TYR B 66 -1.28 -7.52 -5.45
N SER B 67 -2.52 -7.59 -5.10
CA SER B 67 -3.32 -8.65 -5.65
C SER B 67 -4.75 -8.15 -5.55
N VAL B 68 -5.32 -7.71 -6.66
CA VAL B 68 -6.66 -7.20 -6.64
C VAL B 68 -7.54 -8.19 -7.41
N ALA B 69 -8.85 -7.98 -7.39
CA ALA B 69 -9.75 -8.93 -8.01
C ALA B 69 -10.05 -8.66 -9.42
N GLN B 70 -9.70 -7.48 -9.86
CA GLN B 70 -9.92 -7.05 -11.21
C GLN B 70 -11.36 -7.08 -11.67
N GLN B 71 -12.21 -6.46 -10.88
CA GLN B 71 -13.60 -6.34 -11.25
C GLN B 71 -13.93 -4.89 -11.31
N ASN B 72 -12.97 -4.05 -11.01
CA ASN B 72 -13.15 -2.61 -11.10
C ASN B 72 -11.80 -1.91 -11.26
N ASP B 73 -11.86 -0.60 -11.46
CA ASP B 73 -10.70 0.24 -11.57
C ASP B 73 -10.15 0.48 -10.16
N TRP B 74 -10.81 1.30 -9.38
CA TRP B 74 -10.35 1.60 -8.05
C TRP B 74 -10.51 0.41 -7.14
N GLU B 75 -9.43 -0.29 -6.86
CA GLU B 75 -9.51 -1.46 -6.03
C GLU B 75 -8.48 -1.32 -4.96
N ALA B 76 -8.92 -0.84 -3.78
CA ALA B 76 -8.08 -0.64 -2.62
C ALA B 76 -7.65 -2.00 -2.15
N THR B 77 -6.47 -2.08 -1.55
CA THR B 77 -5.93 -3.35 -1.12
C THR B 77 -4.79 -3.18 -0.13
N ASP B 78 -4.35 -4.26 0.50
CA ASP B 78 -3.27 -4.20 1.49
C ASP B 78 -2.11 -4.92 0.85
N PRO B 79 -1.13 -4.16 0.34
CA PRO B 79 0.02 -4.73 -0.33
C PRO B 79 0.91 -5.50 0.63
N ALA B 80 1.55 -6.58 0.21
CA ALA B 80 2.40 -7.33 1.14
C ALA B 80 3.82 -6.83 1.05
N PHE B 81 4.49 -6.37 2.08
CA PHE B 81 5.88 -5.99 1.85
C PHE B 81 6.66 -7.29 1.96
N ARG B 82 7.04 -7.89 0.82
CA ARG B 82 7.74 -9.19 0.81
C ARG B 82 9.27 -9.29 0.83
N GLU B 83 10.00 -8.27 0.36
CA GLU B 83 11.47 -8.29 0.35
C GLU B 83 12.06 -6.97 0.68
N ALA B 84 13.13 -7.00 1.45
CA ALA B 84 13.90 -5.83 1.83
C ALA B 84 15.17 -6.40 2.40
N ASN B 85 16.14 -6.74 1.55
CA ASN B 85 17.42 -7.33 2.00
C ASN B 85 18.60 -6.69 1.34
N VAL B 86 19.78 -6.95 1.90
CA VAL B 86 21.08 -6.45 1.41
C VAL B 86 22.00 -7.63 1.24
N GLN B 87 22.56 -7.77 0.05
CA GLN B 87 23.50 -8.88 -0.25
C GLN B 87 24.89 -8.33 -0.44
N GLY B 88 25.86 -8.85 0.30
CA GLY B 88 27.22 -8.36 0.20
C GLY B 88 28.06 -9.39 -0.51
N LYS B 89 28.41 -9.17 -1.78
CA LYS B 89 29.22 -10.16 -2.53
C LYS B 89 30.74 -9.99 -2.46
N ASN B 90 31.39 -11.11 -2.17
CA ASN B 90 32.82 -11.15 -2.04
C ASN B 90 33.36 -10.35 -0.89
N LEU B 91 32.63 -10.27 0.21
CA LEU B 91 33.16 -9.53 1.33
C LEU B 91 34.04 -10.42 2.22
N ILE B 92 33.93 -11.75 2.11
CA ILE B 92 34.76 -12.66 2.92
C ILE B 92 35.82 -13.21 1.99
N GLU B 93 37.04 -12.68 2.14
CA GLU B 93 38.21 -13.01 1.30
C GLU B 93 38.48 -14.50 1.09
N TRP B 94 38.54 -15.21 2.19
CA TRP B 94 38.80 -16.60 2.13
C TRP B 94 37.62 -17.47 1.83
N LEU B 95 36.53 -16.87 1.39
CA LEU B 95 35.33 -17.60 1.00
C LEU B 95 34.88 -16.82 -0.19
N PRO B 96 35.74 -16.70 -1.20
CA PRO B 96 35.44 -15.95 -2.43
C PRO B 96 34.28 -16.43 -3.26
N GLY B 97 33.62 -15.43 -3.85
CA GLY B 97 32.47 -15.62 -4.71
C GLY B 97 31.18 -15.77 -3.93
N SER B 98 31.34 -15.83 -2.61
CA SER B 98 30.25 -16.02 -1.71
C SER B 98 29.61 -14.72 -1.23
N THR B 99 28.30 -14.81 -0.91
CA THR B 99 27.50 -13.69 -0.42
C THR B 99 27.00 -13.82 1.01
N ILE B 100 26.92 -12.70 1.69
CA ILE B 100 26.34 -12.71 3.00
C ILE B 100 25.17 -11.76 2.84
N TRP B 101 23.95 -12.24 3.08
CA TRP B 101 22.75 -11.38 2.95
C TRP B 101 21.95 -11.47 4.23
N ALA B 102 21.14 -10.47 4.54
CA ALA B 102 20.28 -10.50 5.73
C ALA B 102 19.08 -9.65 5.32
N GLY B 103 17.90 -9.98 5.80
CA GLY B 103 16.75 -9.20 5.42
C GLY B 103 15.70 -10.16 5.01
N LYS B 104 14.60 -9.63 4.56
CA LYS B 104 13.45 -10.40 4.18
C LYS B 104 13.69 -10.70 2.73
N ARG B 105 13.81 -11.96 2.34
CA ARG B 105 14.11 -12.26 0.93
C ARG B 105 13.56 -13.53 0.33
N PHE B 106 13.22 -13.49 -0.97
CA PHE B 106 12.75 -14.70 -1.69
C PHE B 106 14.04 -15.54 -1.95
N TYR B 107 14.32 -16.56 -1.15
CA TYR B 107 15.56 -17.34 -1.29
C TYR B 107 15.55 -18.60 -2.14
N GLN B 108 16.28 -18.57 -3.26
CA GLN B 108 16.43 -19.69 -4.18
C GLN B 108 15.21 -20.55 -4.28
N ARG B 109 14.10 -20.00 -4.71
CA ARG B 109 12.94 -20.85 -4.75
C ARG B 109 12.77 -21.65 -6.02
N HIS B 110 12.29 -22.88 -5.90
CA HIS B 110 12.05 -23.72 -7.07
C HIS B 110 10.54 -23.85 -7.30
N ASP B 111 10.11 -23.78 -8.56
CA ASP B 111 8.70 -23.89 -8.87
C ASP B 111 8.46 -24.52 -10.23
N VAL B 112 7.22 -24.86 -10.53
CA VAL B 112 6.85 -25.44 -11.80
C VAL B 112 5.92 -24.40 -12.40
N HIS B 113 6.44 -23.63 -13.34
CA HIS B 113 5.64 -22.56 -13.92
C HIS B 113 4.21 -22.86 -14.33
N MET B 114 3.98 -23.90 -15.10
CA MET B 114 2.61 -24.10 -15.61
C MET B 114 1.53 -24.41 -14.60
N ILE B 115 1.89 -24.95 -13.45
CA ILE B 115 0.88 -25.19 -12.44
C ILE B 115 1.12 -24.20 -11.31
N ASP B 116 2.05 -23.28 -11.52
CA ASP B 116 2.38 -22.25 -10.55
C ASP B 116 2.54 -22.87 -9.19
N PHE B 117 3.32 -23.93 -9.10
CA PHE B 117 3.48 -24.63 -7.84
C PHE B 117 4.93 -24.50 -7.37
N TYR B 118 5.17 -23.94 -6.18
CA TYR B 118 6.51 -23.83 -5.68
C TYR B 118 6.78 -25.01 -4.81
N TYR B 119 7.72 -25.87 -5.19
CA TYR B 119 8.00 -27.02 -4.37
C TYR B 119 9.15 -26.86 -3.40
N TRP B 120 9.95 -25.80 -3.51
CA TRP B 120 11.08 -25.60 -2.57
C TRP B 120 11.21 -24.10 -2.37
N ASP B 121 10.63 -23.59 -1.30
CA ASP B 121 10.62 -22.15 -1.04
C ASP B 121 10.55 -21.87 0.45
N ILE B 122 11.66 -21.44 1.04
CA ILE B 122 11.71 -21.13 2.43
C ILE B 122 11.79 -19.61 2.60
N SER B 123 11.37 -18.84 1.59
CA SER B 123 11.50 -17.38 1.68
C SER B 123 10.87 -16.80 2.95
N GLY B 124 11.34 -15.61 3.37
CA GLY B 124 10.82 -14.94 4.54
C GLY B 124 11.93 -14.16 5.22
N PRO B 125 11.75 -13.61 6.46
CA PRO B 125 12.84 -12.87 7.10
C PRO B 125 13.99 -13.86 7.23
N GLY B 126 15.25 -13.48 7.03
CA GLY B 126 16.29 -14.50 7.14
C GLY B 126 17.68 -13.96 7.06
N ALA B 127 18.64 -14.86 6.92
CA ALA B 127 20.04 -14.51 6.78
C ALA B 127 20.80 -15.76 6.33
N GLY B 128 21.93 -15.58 5.67
CA GLY B 128 22.71 -16.71 5.18
C GLY B 128 24.02 -16.36 4.49
N LEU B 129 24.86 -17.38 4.33
CA LEU B 129 26.13 -17.25 3.67
C LEU B 129 25.86 -18.12 2.47
N GLU B 130 25.72 -17.47 1.34
CA GLU B 130 25.37 -18.17 0.12
C GLU B 130 26.54 -18.40 -0.85
N ASN B 131 26.49 -19.50 -1.59
CA ASN B 131 27.50 -19.77 -2.59
C ASN B 131 28.95 -19.95 -2.23
N ILE B 132 29.21 -20.79 -1.25
CA ILE B 132 30.56 -21.04 -0.83
C ILE B 132 31.05 -22.11 -1.81
N ASP B 133 32.25 -21.93 -2.38
CA ASP B 133 32.77 -22.93 -3.33
C ASP B 133 33.40 -24.06 -2.58
N VAL B 134 32.79 -25.24 -2.59
CA VAL B 134 33.31 -26.41 -1.88
C VAL B 134 34.08 -27.26 -2.91
N GLY B 135 34.41 -26.67 -4.05
CA GLY B 135 35.15 -27.45 -5.03
C GLY B 135 34.31 -28.25 -5.99
N PHE B 136 33.69 -29.34 -5.52
CA PHE B 136 32.86 -30.13 -6.43
C PHE B 136 31.51 -29.46 -6.65
N GLY B 137 31.17 -28.55 -5.75
CA GLY B 137 29.94 -27.83 -5.87
C GLY B 137 29.97 -26.61 -5.01
N LYS B 138 28.82 -25.91 -5.01
CA LYS B 138 28.56 -24.69 -4.23
C LYS B 138 27.66 -25.03 -3.07
N LEU B 139 28.10 -24.67 -1.87
CA LEU B 139 27.37 -24.93 -0.65
C LEU B 139 26.74 -23.68 -0.11
N SER B 140 25.45 -23.73 0.22
CA SER B 140 24.79 -22.58 0.82
C SER B 140 24.16 -22.91 2.17
N LEU B 141 24.13 -21.91 3.03
CA LEU B 141 23.54 -21.99 4.38
C LEU B 141 22.61 -20.76 4.70
N ALA B 142 21.37 -21.02 5.15
CA ALA B 142 20.41 -19.96 5.49
C ALA B 142 19.49 -20.36 6.61
N ALA B 143 19.03 -19.37 7.35
CA ALA B 143 18.06 -19.59 8.39
C ALA B 143 16.98 -18.58 8.10
N THR B 144 15.76 -19.07 7.92
CA THR B 144 14.62 -18.18 7.71
C THR B 144 13.59 -18.41 8.80
N ARG B 145 12.52 -17.64 8.74
CA ARG B 145 11.49 -17.67 9.74
C ARG B 145 10.12 -17.49 9.20
N SER B 146 9.21 -18.11 9.92
CA SER B 146 7.77 -18.02 9.67
C SER B 146 7.12 -18.09 11.08
N SER B 147 5.83 -17.87 11.12
CA SER B 147 5.17 -17.98 12.40
C SER B 147 3.70 -18.25 12.16
N GLU B 148 3.14 -19.21 12.90
CA GLU B 148 1.73 -19.57 12.76
C GLU B 148 0.90 -18.68 13.63
N ALA B 149 -0.34 -18.43 13.20
CA ALA B 149 -1.25 -17.52 13.90
C ALA B 149 -1.44 -17.69 15.41
N GLY B 150 -1.63 -18.92 15.88
CA GLY B 150 -1.76 -19.15 17.29
C GLY B 150 -0.96 -20.39 17.55
N GLY B 151 -1.40 -21.24 18.46
CA GLY B 151 -0.71 -22.49 18.72
C GLY B 151 0.00 -22.59 20.03
N SER B 152 0.14 -21.51 20.76
CA SER B 152 0.86 -21.57 22.02
C SER B 152 0.05 -21.16 23.25
N SER B 153 0.36 -21.75 24.41
CA SER B 153 -0.35 -21.35 25.61
C SER B 153 0.62 -20.80 26.59
N SER B 154 0.20 -19.69 27.21
CA SER B 154 0.94 -18.94 28.23
C SER B 154 1.09 -19.82 29.46
N PHE B 155 0.18 -20.81 29.58
CA PHE B 155 0.11 -21.77 30.70
C PHE B 155 -0.40 -23.10 30.16
N ALA B 156 -0.16 -24.19 30.89
CA ALA B 156 -0.68 -25.48 30.39
C ALA B 156 -2.18 -25.59 30.60
N SER B 157 -2.95 -25.58 29.51
CA SER B 157 -4.39 -25.73 29.56
C SER B 157 -4.64 -27.08 28.91
N ASN B 158 -5.83 -27.62 29.10
CA ASN B 158 -6.20 -28.90 28.50
C ASN B 158 -7.12 -28.47 27.37
N ASN B 159 -7.58 -27.22 27.47
CA ASN B 159 -8.48 -26.66 26.50
C ASN B 159 -7.74 -26.07 25.30
N ILE B 160 -8.00 -26.63 24.12
CA ILE B 160 -7.34 -26.15 22.92
C ILE B 160 -7.55 -24.69 22.67
N TYR B 161 -8.70 -24.14 23.02
CA TYR B 161 -8.91 -22.74 22.75
C TYR B 161 -7.96 -21.85 23.54
N ASP B 162 -7.09 -22.44 24.33
CA ASP B 162 -6.15 -21.64 25.12
C ASP B 162 -4.84 -21.38 24.41
N TYR B 163 -4.68 -22.10 23.29
CA TYR B 163 -3.49 -22.04 22.42
C TYR B 163 -3.71 -21.08 21.26
N THR B 164 -3.70 -19.80 21.61
CA THR B 164 -3.96 -18.76 20.66
C THR B 164 -2.80 -17.81 20.47
N ASN B 165 -1.70 -18.14 21.13
CA ASN B 165 -0.49 -17.36 20.97
C ASN B 165 0.27 -17.79 19.70
N GLU B 166 0.65 -16.78 18.91
CA GLU B 166 1.42 -16.95 17.68
C GLU B 166 2.67 -17.75 18.06
N THR B 167 3.04 -18.68 17.19
CA THR B 167 4.21 -19.46 17.48
C THR B 167 5.17 -19.39 16.30
N ALA B 168 6.37 -18.86 16.57
CA ALA B 168 7.43 -18.71 15.58
C ALA B 168 8.00 -20.07 15.28
N ASN B 169 8.32 -20.33 14.03
CA ASN B 169 8.97 -21.59 13.61
C ASN B 169 10.27 -21.13 12.91
N ASP B 170 11.37 -21.90 13.04
CA ASP B 170 12.67 -21.57 12.41
C ASP B 170 13.05 -22.64 11.43
N VAL B 171 13.57 -22.24 10.27
CA VAL B 171 14.07 -23.22 9.32
C VAL B 171 15.54 -23.01 9.16
N PHE B 172 16.25 -24.13 9.14
CA PHE B 172 17.68 -24.13 8.97
C PHE B 172 17.91 -24.95 7.77
N ASP B 173 18.38 -24.26 6.75
CA ASP B 173 18.56 -24.81 5.43
C ASP B 173 20.02 -24.96 5.00
N VAL B 174 20.35 -26.09 4.37
CA VAL B 174 21.70 -26.33 3.85
C VAL B 174 21.57 -26.94 2.49
N ARG B 175 22.18 -26.32 1.49
CA ARG B 175 22.09 -26.85 0.13
C ARG B 175 23.49 -27.02 -0.43
N LEU B 176 23.62 -28.01 -1.31
CA LEU B 176 24.87 -28.34 -1.99
C LEU B 176 24.51 -28.57 -3.45
N ALA B 177 24.86 -27.60 -4.28
CA ALA B 177 24.50 -27.64 -5.69
C ALA B 177 25.61 -27.63 -6.67
N GLN B 178 25.16 -27.50 -7.92
CA GLN B 178 25.97 -27.47 -9.13
C GLN B 178 26.97 -28.64 -9.20
N MET B 179 26.60 -29.78 -8.61
CA MET B 179 27.47 -30.95 -8.68
C MET B 179 27.04 -31.59 -9.98
N GLU B 180 28.03 -31.87 -10.84
CA GLU B 180 27.77 -32.50 -12.14
C GLU B 180 27.80 -34.05 -12.08
N ILE B 181 26.80 -34.67 -11.43
CA ILE B 181 26.74 -36.12 -11.37
C ILE B 181 26.98 -36.68 -12.79
N ASN B 182 26.64 -35.96 -13.85
CA ASN B 182 26.89 -36.50 -15.19
C ASN B 182 26.99 -35.40 -16.24
N PRO B 183 27.15 -35.78 -17.51
CA PRO B 183 27.26 -34.75 -18.56
C PRO B 183 25.90 -34.22 -18.98
N GLY B 184 25.73 -32.92 -18.76
CA GLY B 184 24.46 -32.25 -19.07
C GLY B 184 23.60 -32.17 -17.82
N GLY B 185 23.97 -33.02 -16.84
CA GLY B 185 23.24 -33.09 -15.60
C GLY B 185 23.93 -32.57 -14.35
N THR B 186 23.16 -31.90 -13.52
CA THR B 186 23.65 -31.40 -12.26
C THR B 186 22.78 -31.98 -11.18
N LEU B 187 23.31 -31.97 -9.96
CA LEU B 187 22.60 -32.49 -8.83
C LEU B 187 22.64 -31.51 -7.68
N GLU B 188 21.48 -31.24 -7.12
CA GLU B 188 21.40 -30.38 -5.95
C GLU B 188 20.77 -31.21 -4.83
N LEU B 189 21.38 -31.12 -3.65
CA LEU B 189 20.90 -31.81 -2.49
C LEU B 189 20.65 -30.78 -1.42
N GLY B 190 19.54 -30.93 -0.72
CA GLY B 190 19.22 -29.99 0.35
C GLY B 190 18.61 -30.62 1.59
N VAL B 191 18.87 -30.03 2.73
CA VAL B 191 18.31 -30.51 3.96
C VAL B 191 17.75 -29.32 4.72
N ASP B 192 16.48 -29.48 5.10
CA ASP B 192 15.76 -28.48 5.87
C ASP B 192 15.30 -29.03 7.19
N TYR B 193 15.62 -28.32 8.25
CA TYR B 193 15.16 -28.71 9.58
C TYR B 193 14.41 -27.57 10.23
N GLY B 194 13.10 -27.74 10.37
CA GLY B 194 12.25 -26.71 10.97
C GLY B 194 11.73 -27.08 12.36
N ARG B 195 11.49 -26.10 13.21
CA ARG B 195 11.04 -26.41 14.54
C ARG B 195 10.26 -25.23 15.12
N ALA B 196 9.13 -25.46 15.84
CA ALA B 196 8.36 -24.37 16.46
C ALA B 196 9.29 -23.89 17.56
N ASN B 197 9.44 -22.59 17.73
CA ASN B 197 10.36 -22.02 18.71
C ASN B 197 9.57 -21.24 19.76
N LEU B 198 9.22 -21.92 20.85
CA LEU B 198 8.38 -21.39 21.95
C LEU B 198 8.94 -20.38 22.90
N ARG B 199 8.16 -19.36 23.23
CA ARG B 199 8.60 -18.32 24.17
C ARG B 199 8.87 -19.03 25.45
N ASP B 200 9.70 -18.42 26.27
CA ASP B 200 9.98 -19.03 27.55
C ASP B 200 8.67 -19.13 28.28
N ASN B 201 8.41 -20.34 28.76
CA ASN B 201 7.19 -20.65 29.50
C ASN B 201 5.93 -20.90 28.66
N TYR B 202 6.04 -21.03 27.34
CA TYR B 202 4.82 -21.34 26.60
C TYR B 202 4.79 -22.78 26.31
N ARG B 203 3.59 -23.28 26.04
CA ARG B 203 3.44 -24.69 25.79
C ARG B 203 2.64 -24.90 24.56
N LEU B 204 2.98 -25.97 23.84
CA LEU B 204 2.24 -26.32 22.64
C LEU B 204 1.30 -27.43 23.06
N VAL B 205 0.28 -27.64 22.25
CA VAL B 205 -0.70 -28.69 22.47
C VAL B 205 0.05 -30.02 22.69
N ASP B 206 -0.66 -31.02 23.23
CA ASP B 206 -0.02 -32.30 23.45
C ASP B 206 -0.06 -33.03 22.15
N GLY B 207 1.05 -33.65 21.83
CA GLY B 207 1.09 -34.37 20.57
C GLY B 207 1.41 -33.47 19.41
N ALA B 208 1.53 -32.15 19.65
CA ALA B 208 1.89 -31.23 18.59
C ALA B 208 3.19 -31.79 18.03
N SER B 209 3.28 -31.87 16.70
CA SER B 209 4.45 -32.40 15.99
C SER B 209 5.75 -31.73 16.36
N LYS B 210 5.70 -30.43 16.60
CA LYS B 210 6.84 -29.61 17.00
C LYS B 210 7.96 -29.35 15.99
N ASP B 211 8.40 -30.37 15.26
CA ASP B 211 9.47 -30.18 14.31
C ASP B 211 9.37 -31.13 13.14
N GLY B 212 10.40 -31.10 12.29
CA GLY B 212 10.41 -31.95 11.12
C GLY B 212 11.59 -31.73 10.20
N TRP B 213 11.61 -32.50 9.09
CA TRP B 213 12.66 -32.43 8.10
C TRP B 213 12.13 -32.46 6.72
N LEU B 214 12.81 -31.75 5.84
CA LEU B 214 12.46 -31.80 4.41
C LEU B 214 13.77 -32.18 3.69
N PHE B 215 13.69 -33.18 2.84
CA PHE B 215 14.88 -33.58 2.12
C PHE B 215 14.58 -33.43 0.65
N THR B 216 15.50 -32.72 -0.04
CA THR B 216 15.36 -32.48 -1.47
C THR B 216 16.56 -32.93 -2.32
N ALA B 217 16.27 -33.45 -3.51
CA ALA B 217 17.29 -33.85 -4.45
C ALA B 217 16.74 -33.48 -5.81
N GLU B 218 17.40 -32.52 -6.44
CA GLU B 218 16.95 -32.11 -7.74
C GLU B 218 18.02 -32.38 -8.78
N HIS B 219 17.62 -33.04 -9.86
CA HIS B 219 18.55 -33.31 -10.95
C HIS B 219 18.11 -32.56 -12.18
N THR B 220 19.00 -31.70 -12.69
CA THR B 220 18.70 -30.94 -13.92
C THR B 220 19.52 -31.49 -15.07
N GLN B 221 18.83 -31.84 -16.13
CA GLN B 221 19.45 -32.37 -17.31
C GLN B 221 19.13 -31.51 -18.49
N SER B 222 20.20 -31.04 -19.11
CA SER B 222 20.10 -30.22 -20.30
C SER B 222 19.59 -31.10 -21.45
N VAL B 223 18.56 -30.67 -22.15
CA VAL B 223 17.98 -31.50 -23.20
C VAL B 223 17.17 -30.72 -24.20
N LEU B 224 17.27 -31.14 -25.46
CA LEU B 224 16.49 -30.55 -26.51
C LEU B 224 16.44 -29.06 -26.44
N LYS B 225 17.58 -28.45 -26.15
CA LYS B 225 17.62 -27.01 -26.05
C LYS B 225 16.73 -26.54 -24.87
N GLY B 226 16.47 -27.41 -23.91
CA GLY B 226 15.65 -27.02 -22.78
C GLY B 226 16.24 -27.71 -21.59
N PHE B 227 15.43 -28.04 -20.60
CA PHE B 227 15.95 -28.76 -19.46
C PHE B 227 14.85 -29.67 -19.05
N ASN B 228 15.19 -30.57 -18.15
CA ASN B 228 14.25 -31.49 -17.57
C ASN B 228 14.72 -31.58 -16.13
N LYS B 229 13.82 -31.39 -15.17
CA LYS B 229 14.24 -31.55 -13.79
C LYS B 229 13.49 -32.71 -13.21
N PHE B 230 14.19 -33.44 -12.37
CA PHE B 230 13.59 -34.58 -11.73
C PHE B 230 13.79 -34.34 -10.26
N VAL B 231 12.67 -34.26 -9.54
CA VAL B 231 12.74 -34.00 -8.11
C VAL B 231 12.16 -35.10 -7.27
N VAL B 232 12.78 -35.28 -6.12
CA VAL B 232 12.31 -36.23 -5.16
C VAL B 232 12.47 -35.57 -3.79
N GLN B 233 11.36 -35.44 -3.06
CA GLN B 233 11.38 -34.83 -1.72
C GLN B 233 10.65 -35.71 -0.74
N TYR B 234 11.04 -35.57 0.51
CA TYR B 234 10.49 -36.34 1.61
C TYR B 234 10.44 -35.49 2.85
N ALA B 235 9.23 -35.26 3.32
CA ALA B 235 9.07 -34.46 4.53
C ALA B 235 8.52 -35.31 5.67
N THR B 236 8.74 -34.75 6.82
CA THR B 236 8.42 -35.37 8.03
C THR B 236 7.68 -34.44 8.96
N ASP B 237 6.53 -34.87 9.46
CA ASP B 237 5.79 -34.10 10.45
C ASP B 237 5.46 -32.67 10.22
N SER B 238 6.08 -31.80 11.03
CA SER B 238 5.77 -30.39 10.98
C SER B 238 6.07 -29.70 9.67
N MET B 239 6.69 -30.42 8.75
CA MET B 239 7.01 -29.86 7.45
C MET B 239 6.08 -30.37 6.39
N THR B 240 5.12 -31.19 6.77
CA THR B 240 4.23 -31.77 5.80
C THR B 240 3.09 -30.90 5.36
N SER B 241 2.63 -30.01 6.24
CA SER B 241 1.47 -29.20 5.90
C SER B 241 1.76 -28.17 4.87
N GLN B 242 2.82 -27.39 5.06
CA GLN B 242 3.17 -26.40 4.07
C GLN B 242 3.87 -27.15 2.93
N GLY B 243 4.72 -28.10 3.28
CA GLY B 243 5.35 -28.92 2.27
C GLY B 243 6.19 -28.29 1.21
N LYS B 244 6.95 -27.27 1.60
CA LYS B 244 7.82 -26.56 0.67
C LYS B 244 9.05 -26.08 1.38
N GLY B 245 9.22 -26.47 2.63
CA GLY B 245 10.37 -26.02 3.39
C GLY B 245 10.01 -25.24 4.63
N LEU B 246 8.76 -24.80 4.76
CA LEU B 246 8.35 -24.05 5.96
C LEU B 246 7.71 -24.93 7.06
N SER B 247 7.99 -24.59 8.32
CA SER B 247 7.48 -25.37 9.45
C SER B 247 6.27 -24.84 10.21
N GLN B 248 5.40 -25.78 10.56
CA GLN B 248 4.16 -25.52 11.31
C GLN B 248 4.07 -26.54 12.41
N GLY B 249 4.90 -26.39 13.42
CA GLY B 249 4.91 -27.37 14.48
C GLY B 249 3.85 -27.26 15.56
N SER B 250 3.00 -26.25 15.59
CA SER B 250 2.03 -26.16 16.66
C SER B 250 0.83 -27.08 16.42
N GLY B 251 0.39 -27.20 15.18
CA GLY B 251 -0.75 -28.07 14.87
C GLY B 251 -2.17 -27.56 15.22
N VAL B 252 -2.27 -26.29 15.61
CA VAL B 252 -3.52 -25.62 15.95
C VAL B 252 -3.87 -24.69 14.75
N ALA B 253 -5.14 -24.60 14.42
CA ALA B 253 -5.65 -23.78 13.32
C ALA B 253 -6.86 -23.06 13.86
N PHE B 254 -7.34 -22.02 13.18
CA PHE B 254 -8.50 -21.31 13.66
C PHE B 254 -9.58 -21.16 12.63
N ASP B 255 -10.85 -21.30 13.03
CA ASP B 255 -11.94 -21.13 12.07
C ASP B 255 -12.18 -19.62 11.89
N ASN B 256 -13.13 -19.24 11.04
CA ASN B 256 -13.37 -17.81 10.83
C ASN B 256 -13.91 -17.11 12.05
N GLU B 257 -14.36 -17.89 13.04
CA GLU B 257 -14.90 -17.36 14.29
C GLU B 257 -13.85 -17.42 15.42
N LYS B 258 -12.56 -17.38 15.06
CA LYS B 258 -11.45 -17.44 16.01
C LYS B 258 -11.42 -18.73 16.85
N PHE B 259 -12.11 -19.81 16.45
CA PHE B 259 -12.09 -21.04 17.23
C PHE B 259 -10.90 -21.88 16.89
N ALA B 260 -10.16 -22.27 17.90
CA ALA B 260 -9.01 -23.11 17.65
C ALA B 260 -9.45 -24.52 17.30
N TYR B 261 -8.63 -25.20 16.51
CA TYR B 261 -8.87 -26.58 16.16
C TYR B 261 -7.60 -27.35 15.86
N ASN B 262 -7.68 -28.66 15.81
CA ASN B 262 -6.49 -29.44 15.65
C ASN B 262 -6.17 -30.07 14.32
N ILE B 263 -5.34 -29.35 13.57
CA ILE B 263 -4.87 -29.79 12.25
C ILE B 263 -3.54 -30.58 12.43
N ASN B 264 -3.47 -31.53 13.37
CA ASN B 264 -2.27 -32.35 13.67
C ASN B 264 -1.55 -32.86 12.42
N ASN B 265 -0.29 -32.47 12.26
CA ASN B 265 0.46 -32.89 11.05
C ASN B 265 1.53 -33.98 11.15
N ASN B 266 1.54 -34.78 12.22
CA ASN B 266 2.51 -35.86 12.34
C ASN B 266 2.26 -36.78 11.19
N GLY B 267 3.34 -37.21 10.58
CA GLY B 267 3.17 -38.04 9.42
C GLY B 267 4.33 -37.77 8.52
N HIS B 268 4.14 -37.95 7.22
CA HIS B 268 5.24 -37.70 6.32
C HIS B 268 4.68 -37.43 4.95
N MET B 269 5.52 -36.88 4.08
CA MET B 269 5.10 -36.61 2.70
C MET B 269 6.15 -37.13 1.75
N LEU B 270 5.69 -37.68 0.64
CA LEU B 270 6.61 -38.14 -0.39
C LEU B 270 6.19 -37.45 -1.68
N ARG B 271 7.12 -36.70 -2.27
CA ARG B 271 6.87 -35.97 -3.54
C ARG B 271 7.90 -36.37 -4.57
N ILE B 272 7.39 -36.77 -5.72
CA ILE B 272 8.20 -37.16 -6.86
C ILE B 272 7.68 -36.36 -8.05
N LEU B 273 8.55 -35.47 -8.51
CA LEU B 273 8.25 -34.53 -9.57
C LEU B 273 9.16 -34.61 -10.79
N ASP B 274 8.56 -34.39 -11.95
CA ASP B 274 9.33 -34.28 -13.15
C ASP B 274 8.65 -33.28 -14.08
N HIS B 275 9.38 -32.21 -14.36
CA HIS B 275 8.90 -31.15 -15.25
C HIS B 275 10.08 -30.60 -16.06
N GLY B 276 9.75 -29.83 -17.10
CA GLY B 276 10.77 -29.19 -17.91
C GLY B 276 10.16 -28.55 -19.12
N ALA B 277 11.00 -27.96 -19.93
CA ALA B 277 10.59 -27.35 -21.19
C ALA B 277 11.66 -27.76 -22.23
N ILE B 278 11.19 -28.23 -23.38
CA ILE B 278 12.05 -28.67 -24.47
C ILE B 278 11.55 -28.05 -25.74
N SER B 279 12.49 -27.70 -26.60
CA SER B 279 12.15 -27.16 -27.92
C SER B 279 12.41 -28.36 -28.81
N MET B 280 11.48 -28.61 -29.72
CA MET B 280 11.63 -29.74 -30.62
C MET B 280 11.58 -29.18 -32.04
N GLY B 281 12.73 -28.72 -32.51
CA GLY B 281 12.73 -28.14 -33.83
C GLY B 281 12.68 -26.63 -33.79
N ASP B 282 12.10 -26.04 -34.83
CA ASP B 282 12.05 -24.61 -34.93
C ASP B 282 10.67 -24.10 -34.64
N ASN B 283 9.64 -24.93 -34.87
CA ASN B 283 8.26 -24.48 -34.66
C ASN B 283 7.52 -24.91 -33.37
N TRP B 284 8.22 -25.63 -32.51
CA TRP B 284 7.60 -26.09 -31.31
C TRP B 284 8.39 -25.98 -30.09
N ASP B 285 7.65 -25.60 -29.07
CA ASP B 285 8.15 -25.51 -27.72
C ASP B 285 7.04 -26.21 -26.92
N MET B 286 7.44 -26.77 -25.80
CA MET B 286 6.48 -27.45 -24.96
C MET B 286 6.94 -27.64 -23.54
N MET B 287 6.14 -27.22 -22.56
CA MET B 287 6.52 -27.52 -21.18
C MET B 287 5.60 -28.64 -20.69
N TYR B 288 6.06 -29.36 -19.68
CA TYR B 288 5.31 -30.47 -19.11
C TYR B 288 5.59 -30.76 -17.62
N VAL B 289 4.57 -31.27 -16.93
CA VAL B 289 4.72 -31.66 -15.50
C VAL B 289 4.08 -33.00 -15.40
N GLY B 290 4.57 -33.69 -14.38
CA GLY B 290 4.08 -34.99 -13.96
C GLY B 290 4.43 -35.09 -12.48
N MET B 291 3.45 -35.25 -11.61
CA MET B 291 3.78 -35.35 -10.17
C MET B 291 2.88 -36.29 -9.38
N TYR B 292 3.47 -36.86 -8.35
CA TYR B 292 2.72 -37.71 -7.48
C TYR B 292 3.06 -37.29 -6.07
N GLN B 293 2.08 -36.74 -5.36
CA GLN B 293 2.31 -36.27 -3.97
C GLN B 293 1.43 -37.04 -2.99
N ASP B 294 2.07 -37.60 -1.98
CA ASP B 294 1.40 -38.40 -0.98
C ASP B 294 1.64 -37.87 0.41
N ILE B 295 0.63 -37.18 0.96
CA ILE B 295 0.67 -36.63 2.32
C ILE B 295 -0.08 -37.64 3.15
N ASN B 296 0.67 -38.32 3.99
CA ASN B 296 0.13 -39.37 4.81
C ASN B 296 0.16 -38.94 6.26
N TRP B 297 -0.99 -38.64 6.81
CA TRP B 297 -0.98 -38.22 8.21
C TRP B 297 -1.48 -39.19 9.23
N ASP B 298 -0.97 -38.99 10.42
CA ASP B 298 -1.39 -39.81 11.50
C ASP B 298 -2.87 -39.69 11.76
N ASN B 299 -3.46 -38.52 11.54
CA ASN B 299 -4.87 -38.37 11.76
C ASN B 299 -5.70 -38.87 10.62
N ASP B 300 -5.06 -39.46 9.61
CA ASP B 300 -5.81 -39.96 8.47
C ASP B 300 -6.43 -38.94 7.54
N ASN B 301 -6.08 -37.68 7.65
CA ASN B 301 -6.69 -36.73 6.75
C ASN B 301 -5.82 -36.30 5.60
N GLY B 302 -4.69 -36.96 5.38
CA GLY B 302 -3.81 -36.63 4.26
C GLY B 302 -4.50 -36.82 2.91
N THR B 303 -3.72 -36.85 1.82
CA THR B 303 -4.26 -37.00 0.44
C THR B 303 -3.19 -37.63 -0.43
N LYS B 304 -3.57 -38.25 -1.55
CA LYS B 304 -2.61 -38.86 -2.49
C LYS B 304 -2.99 -38.16 -3.80
N TRP B 305 -2.08 -37.33 -4.32
CA TRP B 305 -2.32 -36.50 -5.51
C TRP B 305 -1.47 -36.86 -6.73
N TRP B 306 -2.08 -36.81 -7.91
CA TRP B 306 -1.38 -37.08 -9.17
C TRP B 306 -1.73 -35.99 -10.17
N THR B 307 -0.74 -35.38 -10.83
CA THR B 307 -1.03 -34.38 -11.89
C THR B 307 -0.19 -34.70 -13.10
N VAL B 308 -0.70 -34.31 -14.24
CA VAL B 308 0.01 -34.44 -15.48
C VAL B 308 -0.60 -33.44 -16.42
N GLY B 309 0.27 -32.74 -17.13
CA GLY B 309 -0.18 -31.75 -18.10
C GLY B 309 0.96 -31.42 -19.02
N ILE B 310 0.61 -30.86 -20.17
CA ILE B 310 1.60 -30.46 -21.16
C ILE B 310 1.10 -29.16 -21.75
N ARG B 311 2.04 -28.33 -22.20
CA ARG B 311 1.71 -27.05 -22.80
C ARG B 311 2.56 -26.94 -24.04
N PRO B 312 2.02 -27.41 -25.13
CA PRO B 312 2.76 -27.33 -26.37
C PRO B 312 2.45 -25.98 -27.06
N MET B 313 3.48 -25.31 -27.55
CA MET B 313 3.39 -24.03 -28.24
C MET B 313 3.91 -24.22 -29.64
N TYR B 314 3.14 -23.76 -30.61
CA TYR B 314 3.57 -23.88 -32.00
C TYR B 314 3.70 -22.45 -32.54
N LYS B 315 4.91 -22.10 -32.96
CA LYS B 315 5.14 -20.73 -33.43
C LYS B 315 4.82 -20.46 -34.87
N TRP B 316 3.90 -19.56 -35.12
CA TRP B 316 3.55 -19.21 -36.46
C TRP B 316 4.52 -18.18 -36.98
N THR B 317 4.89 -17.29 -36.07
CA THR B 317 5.74 -16.17 -36.35
C THR B 317 6.68 -16.08 -35.18
N PRO B 318 7.72 -15.26 -35.29
CA PRO B 318 8.59 -15.21 -34.12
C PRO B 318 7.89 -14.57 -32.95
N ILE B 319 6.87 -13.78 -33.22
CA ILE B 319 6.13 -13.14 -32.14
C ILE B 319 4.66 -13.57 -32.03
N MET B 320 4.26 -14.65 -32.68
CA MET B 320 2.86 -15.08 -32.56
C MET B 320 2.74 -16.56 -32.55
N SER B 321 1.88 -17.08 -31.67
CA SER B 321 1.72 -18.52 -31.59
C SER B 321 0.40 -18.96 -31.10
N THR B 322 0.27 -20.27 -31.06
CA THR B 322 -0.91 -20.86 -30.59
C THR B 322 -0.44 -21.75 -29.49
N VAL B 323 -0.87 -21.43 -28.27
CA VAL B 323 -0.51 -22.22 -27.08
C VAL B 323 -1.70 -23.10 -26.72
N MET B 324 -1.42 -24.26 -26.17
CA MET B 324 -2.48 -25.13 -25.75
C MET B 324 -2.06 -25.81 -24.46
N GLU B 325 -2.98 -25.89 -23.49
CA GLU B 325 -2.64 -26.57 -22.24
C GLU B 325 -3.65 -27.62 -21.93
N ILE B 326 -3.18 -28.74 -21.38
CA ILE B 326 -4.04 -29.86 -21.02
C ILE B 326 -3.58 -30.40 -19.68
N GLY B 327 -4.45 -30.30 -18.69
CA GLY B 327 -4.07 -30.77 -17.37
C GLY B 327 -5.05 -31.71 -16.75
N TYR B 328 -4.52 -32.63 -15.96
CA TYR B 328 -5.33 -33.61 -15.28
C TYR B 328 -4.91 -33.81 -13.84
N ASP B 329 -5.90 -33.68 -12.96
CA ASP B 329 -5.68 -33.88 -11.53
C ASP B 329 -6.53 -35.03 -11.02
N ASN B 330 -6.02 -35.68 -9.99
CA ASN B 330 -6.77 -36.74 -9.36
C ASN B 330 -6.26 -36.88 -7.93
N VAL B 331 -7.10 -36.45 -6.97
CA VAL B 331 -6.75 -36.49 -5.55
C VAL B 331 -7.64 -37.50 -4.84
N GLU B 332 -7.04 -38.36 -4.03
CA GLU B 332 -7.82 -39.36 -3.29
C GLU B 332 -7.81 -39.04 -1.80
N SER B 333 -8.96 -39.11 -1.14
CA SER B 333 -8.96 -38.78 0.29
C SER B 333 -8.30 -39.82 1.11
N GLN B 334 -7.40 -39.43 1.98
CA GLN B 334 -6.82 -40.45 2.83
C GLN B 334 -7.92 -40.97 3.78
N ARG B 335 -8.66 -40.07 4.44
CA ARG B 335 -9.70 -40.46 5.37
C ARG B 335 -10.81 -41.29 4.77
N THR B 336 -11.23 -40.97 3.56
CA THR B 336 -12.34 -41.70 3.01
C THR B 336 -12.11 -42.57 1.79
N GLY B 337 -10.89 -42.63 1.30
CA GLY B 337 -10.67 -43.41 0.12
C GLY B 337 -11.37 -42.92 -1.14
N ASP B 338 -12.19 -41.87 -1.10
CA ASP B 338 -12.83 -41.40 -2.36
C ASP B 338 -11.87 -40.63 -3.31
N LYS B 339 -12.34 -40.38 -4.54
CA LYS B 339 -11.53 -39.67 -5.49
C LYS B 339 -12.17 -38.53 -6.24
N ASN B 340 -11.43 -37.43 -6.26
CA ASN B 340 -11.82 -36.22 -6.96
C ASN B 340 -10.91 -36.13 -8.18
N ASN B 341 -11.42 -35.68 -9.31
CA ASN B 341 -10.54 -35.50 -10.45
C ASN B 341 -11.08 -34.53 -11.44
N GLN B 342 -10.18 -34.02 -12.27
CA GLN B 342 -10.55 -33.05 -13.29
C GLN B 342 -9.53 -32.99 -14.39
N TYR B 343 -10.03 -32.61 -15.55
CA TYR B 343 -9.18 -32.39 -16.68
C TYR B 343 -9.53 -31.03 -17.30
N LYS B 344 -8.50 -30.23 -17.53
CA LYS B 344 -8.69 -28.91 -18.10
C LYS B 344 -8.02 -28.91 -19.45
N ILE B 345 -8.71 -28.36 -20.44
CA ILE B 345 -8.16 -28.28 -21.77
C ILE B 345 -8.29 -26.81 -22.23
N THR B 346 -7.19 -26.05 -22.32
CA THR B 346 -7.27 -24.64 -22.76
C THR B 346 -6.60 -24.45 -24.11
N LEU B 347 -7.10 -23.53 -24.91
CA LEU B 347 -6.52 -23.26 -26.21
C LEU B 347 -6.35 -21.75 -26.36
N ALA B 348 -5.14 -21.27 -26.61
CA ALA B 348 -4.92 -19.82 -26.72
C ALA B 348 -4.08 -19.37 -27.90
N GLN B 349 -4.34 -18.16 -28.32
CA GLN B 349 -3.64 -17.52 -29.41
C GLN B 349 -2.88 -16.36 -28.77
N GLN B 350 -1.55 -16.42 -28.69
CA GLN B 350 -0.87 -15.31 -28.08
C GLN B 350 0.17 -14.59 -28.94
N TRP B 351 0.66 -13.45 -28.43
CA TRP B 351 1.69 -12.60 -29.04
C TRP B 351 2.77 -12.42 -27.99
N GLN B 352 3.99 -12.94 -28.14
CA GLN B 352 5.02 -12.73 -27.10
C GLN B 352 6.12 -11.84 -27.57
N ALA B 353 6.94 -11.40 -26.63
CA ALA B 353 8.08 -10.61 -26.96
C ALA B 353 9.20 -11.60 -27.02
N GLY B 354 9.14 -12.54 -27.97
CA GLY B 354 10.20 -13.52 -28.09
C GLY B 354 9.69 -14.74 -28.83
N ASP B 355 10.55 -15.68 -29.22
CA ASP B 355 10.10 -16.90 -29.92
C ASP B 355 10.15 -18.06 -28.91
N SER B 356 10.16 -17.76 -27.61
CA SER B 356 10.19 -18.84 -26.62
C SER B 356 8.88 -19.05 -25.92
N ILE B 357 8.77 -20.20 -25.29
CA ILE B 357 7.58 -20.51 -24.51
C ILE B 357 7.83 -19.81 -23.18
N TRP B 358 9.07 -19.36 -22.99
CA TRP B 358 9.45 -18.65 -21.78
C TRP B 358 9.51 -17.14 -22.00
N SER B 359 9.12 -16.64 -23.16
CA SER B 359 9.25 -15.20 -23.35
C SER B 359 8.04 -14.43 -22.93
N ARG B 360 8.26 -13.37 -22.14
CA ARG B 360 7.21 -12.49 -21.63
C ARG B 360 7.63 -11.06 -22.03
N PRO B 361 6.69 -10.10 -22.24
CA PRO B 361 5.25 -10.01 -22.13
C PRO B 361 4.67 -11.05 -22.98
N ALA B 362 3.38 -11.26 -22.84
CA ALA B 362 2.61 -12.23 -23.62
C ALA B 362 1.18 -11.73 -23.48
N ILE B 363 0.45 -11.65 -24.56
CA ILE B 363 -0.92 -11.22 -24.49
C ILE B 363 -1.67 -12.37 -25.08
N ARG B 364 -2.58 -12.97 -24.32
CA ARG B 364 -3.34 -14.12 -24.78
C ARG B 364 -4.83 -13.89 -24.93
N VAL B 365 -5.42 -14.60 -25.86
CA VAL B 365 -6.85 -14.57 -26.07
C VAL B 365 -7.12 -16.07 -25.98
N PHE B 366 -7.88 -16.51 -24.98
CA PHE B 366 -8.06 -17.96 -24.79
C PHE B 366 -9.50 -18.39 -24.54
N ALA B 367 -9.66 -19.70 -24.47
CA ALA B 367 -10.93 -20.34 -24.21
C ALA B 367 -10.50 -21.53 -23.42
N THR B 368 -11.18 -21.73 -22.29
CA THR B 368 -10.89 -22.85 -21.41
C THR B 368 -12.15 -23.69 -21.17
N TYR B 369 -11.93 -24.99 -20.97
CA TYR B 369 -12.99 -25.95 -20.67
C TYR B 369 -12.56 -26.93 -19.61
N ALA B 370 -13.37 -27.04 -18.57
CA ALA B 370 -13.05 -27.99 -17.55
C ALA B 370 -14.27 -28.83 -17.27
N LYS B 371 -13.99 -30.07 -16.92
CA LYS B 371 -15.02 -31.02 -16.60
C LYS B 371 -14.50 -31.82 -15.40
N TRP B 372 -15.21 -31.72 -14.28
CA TRP B 372 -14.82 -32.44 -13.04
C TRP B 372 -15.88 -33.40 -12.50
N ASP B 373 -15.49 -34.10 -11.46
CA ASP B 373 -16.33 -35.06 -10.83
C ASP B 373 -15.67 -35.33 -9.51
N GLU B 374 -16.11 -34.60 -8.49
CA GLU B 374 -15.56 -34.75 -7.14
C GLU B 374 -16.52 -35.55 -6.23
N LYS B 375 -15.97 -36.57 -5.57
CA LYS B 375 -16.72 -37.45 -4.67
C LYS B 375 -16.46 -37.26 -3.15
N TRP B 376 -15.83 -36.14 -2.81
CA TRP B 376 -15.54 -35.80 -1.43
C TRP B 376 -15.08 -34.37 -1.32
N GLY B 377 -15.23 -33.77 -0.15
CA GLY B 377 -14.82 -32.41 0.03
C GLY B 377 -14.49 -32.28 1.49
N TYR B 378 -14.15 -31.08 1.96
CA TYR B 378 -13.84 -30.90 3.37
C TYR B 378 -15.03 -30.35 4.10
N ASP B 379 -15.19 -30.74 5.36
CA ASP B 379 -16.32 -30.25 6.06
C ASP B 379 -16.00 -28.96 6.71
N TYR B 380 -16.43 -27.90 6.07
CA TYR B 380 -16.17 -26.61 6.62
C TYR B 380 -17.48 -25.98 7.02
N THR B 381 -18.51 -26.79 7.17
CA THR B 381 -19.77 -26.23 7.60
C THR B 381 -19.65 -26.09 9.07
N GLY B 382 -20.38 -25.15 9.60
CA GLY B 382 -20.35 -24.98 11.02
C GLY B 382 -19.28 -24.14 11.66
N ASN B 383 -18.69 -24.72 12.68
CA ASN B 383 -17.79 -24.00 13.53
C ASN B 383 -16.75 -24.97 13.97
N ALA B 384 -15.61 -24.50 14.41
CA ALA B 384 -14.65 -25.44 14.94
C ALA B 384 -15.34 -25.95 16.21
N ASP B 385 -16.22 -25.11 16.81
CA ASP B 385 -16.99 -25.44 18.02
C ASP B 385 -18.26 -26.27 17.70
N ASN B 386 -19.14 -25.80 16.79
CA ASN B 386 -20.35 -26.53 16.39
C ASN B 386 -20.02 -27.89 15.78
N ASN B 387 -19.07 -27.87 14.86
CA ASN B 387 -18.67 -29.05 14.13
C ASN B 387 -17.56 -29.80 14.76
N ALA B 388 -17.54 -31.08 14.49
CA ALA B 388 -16.49 -31.90 15.04
C ALA B 388 -15.74 -32.56 13.87
N ASN B 389 -16.36 -32.54 12.71
CA ASN B 389 -15.71 -33.06 11.53
C ASN B 389 -15.16 -31.85 10.85
N PHE B 390 -15.23 -30.70 11.53
CA PHE B 390 -14.78 -29.45 10.98
C PHE B 390 -13.38 -29.58 10.46
N GLY B 391 -13.22 -29.34 9.15
CA GLY B 391 -11.94 -29.45 8.47
C GLY B 391 -11.53 -30.85 8.00
N LYS B 392 -12.44 -31.80 8.00
CA LYS B 392 -12.12 -33.16 7.63
C LYS B 392 -12.62 -33.51 6.29
N ALA B 393 -11.99 -34.49 5.67
CA ALA B 393 -12.45 -34.95 4.37
C ALA B 393 -13.76 -35.66 4.65
N VAL B 394 -14.72 -35.55 3.78
CA VAL B 394 -16.02 -36.12 4.02
C VAL B 394 -16.59 -36.43 2.65
N PRO B 395 -17.44 -37.43 2.56
CA PRO B 395 -17.97 -37.73 1.23
C PRO B 395 -18.83 -36.66 0.66
N ALA B 396 -18.96 -36.71 -0.64
CA ALA B 396 -19.72 -35.72 -1.35
C ALA B 396 -21.11 -35.47 -0.81
N ASP B 397 -21.73 -36.49 -0.25
CA ASP B 397 -23.11 -36.36 0.24
C ASP B 397 -23.25 -36.55 1.74
N PHE B 398 -22.12 -36.61 2.41
CA PHE B 398 -22.11 -36.80 3.82
C PHE B 398 -23.21 -36.08 4.53
N ASN B 399 -23.94 -36.84 5.34
CA ASN B 399 -25.05 -36.35 6.16
C ASN B 399 -26.00 -35.52 5.36
N GLY B 400 -26.26 -36.00 4.15
CA GLY B 400 -27.16 -35.32 3.23
C GLY B 400 -26.69 -33.96 2.73
N GLY B 401 -25.42 -33.64 2.99
CA GLY B 401 -24.87 -32.37 2.53
C GLY B 401 -24.36 -32.47 1.11
N SER B 402 -23.65 -31.40 0.75
CA SER B 402 -23.02 -31.29 -0.56
C SER B 402 -21.60 -30.88 -0.18
N PHE B 403 -20.63 -31.73 -0.54
CA PHE B 403 -19.23 -31.50 -0.28
C PHE B 403 -18.51 -31.80 -1.57
N GLY B 404 -17.61 -30.89 -1.94
CA GLY B 404 -16.89 -31.07 -3.20
C GLY B 404 -17.58 -30.26 -4.27
N ARG B 405 -16.97 -30.15 -5.44
CA ARG B 405 -17.53 -29.38 -6.52
C ARG B 405 -18.57 -30.08 -7.32
N GLY B 406 -18.79 -31.35 -7.05
CA GLY B 406 -19.79 -32.03 -7.82
C GLY B 406 -19.25 -32.70 -9.05
N ASP B 407 -20.10 -32.86 -10.02
CA ASP B 407 -19.72 -33.54 -11.21
C ASP B 407 -20.28 -32.64 -12.24
N SER B 408 -19.40 -31.88 -12.89
CA SER B 408 -19.88 -30.94 -13.86
C SER B 408 -18.88 -30.51 -14.95
N ASP B 409 -19.26 -29.44 -15.62
CA ASP B 409 -18.56 -28.83 -16.71
C ASP B 409 -18.55 -27.38 -16.54
N GLU B 410 -17.88 -26.73 -17.49
CA GLU B 410 -17.85 -25.28 -17.59
C GLU B 410 -16.77 -24.86 -18.55
N TRP B 411 -17.01 -23.73 -19.19
CA TRP B 411 -16.05 -23.20 -20.10
C TRP B 411 -16.01 -21.71 -19.91
N THR B 412 -14.83 -21.15 -20.06
CA THR B 412 -14.65 -19.72 -19.91
C THR B 412 -13.83 -19.25 -21.09
N PHE B 413 -13.57 -17.95 -21.14
CA PHE B 413 -12.77 -17.36 -22.19
C PHE B 413 -12.48 -15.90 -21.92
N GLY B 414 -11.36 -15.42 -22.46
CA GLY B 414 -11.02 -14.03 -22.25
C GLY B 414 -9.65 -13.68 -22.79
N ALA B 415 -9.16 -12.51 -22.40
CA ALA B 415 -7.87 -12.00 -22.83
C ALA B 415 -7.05 -11.74 -21.58
N GLN B 416 -5.76 -12.01 -21.61
CA GLN B 416 -4.95 -11.80 -20.43
C GLN B 416 -3.54 -11.39 -20.85
N MET B 417 -2.77 -10.82 -19.93
CA MET B 417 -1.43 -10.36 -20.18
C MET B 417 -0.59 -11.00 -19.07
N GLU B 418 0.65 -11.39 -19.34
CA GLU B 418 1.49 -11.94 -18.28
C GLU B 418 2.87 -11.43 -18.57
N ILE B 419 3.64 -11.09 -17.54
CA ILE B 419 4.95 -10.55 -17.77
C ILE B 419 5.86 -10.60 -16.60
N TRP B 420 7.09 -11.07 -16.77
CA TRP B 420 8.05 -10.93 -15.68
C TRP B 420 9.10 -10.06 -16.34
N TRP B 421 9.73 -9.14 -15.62
CA TRP B 421 10.73 -8.24 -16.20
C TRP B 421 11.82 -7.94 -15.24
N VAL C 1 14.38 8.98 -12.67
CA VAL C 1 13.77 9.13 -11.33
C VAL C 1 14.84 8.97 -10.28
N ASP C 2 14.74 9.69 -9.16
CA ASP C 2 15.71 9.52 -8.08
C ASP C 2 15.12 8.50 -7.14
N PHE C 3 15.95 7.62 -6.61
CA PHE C 3 15.45 6.62 -5.73
C PHE C 3 16.22 6.71 -4.44
N HIS C 4 15.52 7.05 -3.37
CA HIS C 4 16.12 7.14 -2.06
C HIS C 4 15.27 6.45 -1.05
N GLY C 5 15.78 6.32 0.17
CA GLY C 5 15.01 5.70 1.23
C GLY C 5 15.78 5.33 2.49
N TYR C 6 15.27 4.31 3.20
CA TYR C 6 15.87 3.83 4.44
C TYR C 6 15.25 2.47 4.62
N ALA C 7 15.92 1.51 5.25
CA ALA C 7 15.26 0.22 5.44
C ALA C 7 16.08 -0.52 6.43
N ARG C 8 15.49 -1.41 7.22
CA ARG C 8 16.22 -2.25 8.20
C ARG C 8 15.35 -3.44 8.22
N SER C 9 15.94 -4.61 8.22
CA SER C 9 15.16 -5.80 8.20
C SER C 9 16.13 -6.85 8.71
N GLY C 10 15.65 -7.91 9.37
CA GLY C 10 16.56 -8.90 9.93
C GLY C 10 15.83 -10.06 10.56
N ILE C 11 16.53 -10.90 11.32
CA ILE C 11 15.94 -12.05 11.99
C ILE C 11 16.64 -12.15 13.33
N GLY C 12 15.90 -12.45 14.39
CA GLY C 12 16.52 -12.51 15.70
C GLY C 12 15.94 -13.66 16.52
N TRP C 13 16.59 -13.91 17.67
CA TRP C 13 16.23 -14.96 18.65
C TRP C 13 16.34 -14.50 20.12
N THR C 14 15.46 -14.99 20.98
CA THR C 14 15.56 -14.60 22.38
C THR C 14 16.29 -15.65 23.16
N GLY C 15 17.27 -15.22 23.92
CA GLY C 15 18.04 -16.17 24.69
C GLY C 15 17.12 -17.20 25.36
N SER C 16 16.15 -16.72 26.15
CA SER C 16 15.18 -17.60 26.83
C SER C 16 14.14 -18.34 25.96
N GLY C 17 13.95 -17.96 24.69
CA GLY C 17 13.01 -18.63 23.82
C GLY C 17 12.24 -17.74 22.85
N GLY C 18 11.88 -18.30 21.68
CA GLY C 18 11.10 -17.58 20.68
C GLY C 18 11.78 -16.44 19.96
N GLU C 19 11.05 -15.70 19.12
CA GLU C 19 11.68 -14.64 18.39
C GLU C 19 12.28 -13.58 19.21
N GLN C 20 13.10 -12.79 18.56
CA GLN C 20 13.78 -11.71 19.22
C GLN C 20 12.86 -10.70 19.83
N GLN C 21 13.23 -10.25 21.03
CA GLN C 21 12.50 -9.20 21.72
C GLN C 21 13.37 -7.98 21.85
N CYS C 22 12.73 -6.84 21.97
CA CYS C 22 13.43 -5.59 22.10
C CYS C 22 13.25 -4.96 23.49
N PHE C 23 14.22 -4.21 23.99
CA PHE C 23 14.14 -3.71 25.34
C PHE C 23 14.08 -2.23 25.49
N GLN C 24 13.02 -1.71 26.09
CA GLN C 24 12.92 -0.28 26.30
C GLN C 24 12.41 0.08 27.70
N THR C 25 13.12 0.93 28.41
CA THR C 25 12.71 1.36 29.72
C THR C 25 11.37 2.03 29.73
N THR C 26 10.48 1.55 30.64
CA THR C 26 9.13 2.08 30.79
C THR C 26 9.24 3.55 31.19
N GLY C 27 8.63 4.43 30.42
CA GLY C 27 8.75 5.83 30.72
C GLY C 27 9.80 6.48 29.82
N ALA C 28 10.78 5.71 29.28
CA ALA C 28 11.78 6.29 28.37
C ALA C 28 11.11 6.47 27.00
N GLN C 29 11.44 7.53 26.29
CA GLN C 29 10.88 7.74 24.95
C GLN C 29 11.70 7.11 23.82
N SER C 30 12.74 6.34 24.15
CA SER C 30 13.57 5.68 23.15
C SER C 30 14.26 4.48 23.77
N LYS C 31 15.01 3.76 22.95
CA LYS C 31 15.80 2.62 23.43
C LYS C 31 17.08 2.67 22.57
N TYR C 32 18.15 2.02 23.01
CA TYR C 32 19.41 1.98 22.27
C TYR C 32 19.19 0.97 21.19
N ARG C 33 19.21 1.44 19.95
CA ARG C 33 18.92 0.58 18.83
C ARG C 33 19.76 -0.58 18.35
N LEU C 34 21.08 -0.57 18.54
CA LEU C 34 21.87 -1.63 17.94
C LEU C 34 21.50 -3.01 18.48
N GLY C 35 21.06 -3.89 17.61
CA GLY C 35 20.71 -5.23 18.08
C GLY C 35 19.56 -5.15 19.05
N ASN C 36 18.62 -4.29 18.76
CA ASN C 36 17.47 -4.04 19.59
C ASN C 36 16.30 -3.40 18.75
N GLU C 37 16.20 -3.77 17.48
CA GLU C 37 15.11 -3.28 16.64
C GLU C 37 14.41 -4.52 16.21
N CYS C 38 13.08 -4.53 16.36
CA CYS C 38 12.29 -5.71 16.05
C CYS C 38 11.30 -5.58 14.90
N GLU C 39 11.45 -4.66 13.95
CA GLU C 39 10.52 -4.60 12.82
C GLU C 39 11.29 -4.48 11.55
N THR C 40 10.61 -4.63 10.41
CA THR C 40 11.24 -4.39 9.14
C THR C 40 10.54 -3.09 8.88
N TYR C 41 11.30 -2.00 8.79
CA TYR C 41 10.75 -0.66 8.54
C TYR C 41 11.37 -0.23 7.24
N ALA C 42 10.68 0.51 6.38
CA ALA C 42 11.26 0.92 5.11
C ALA C 42 10.58 2.10 4.52
N GLU C 43 11.34 3.09 4.03
CA GLU C 43 10.76 4.23 3.32
C GLU C 43 11.30 4.19 1.88
N LEU C 44 10.43 4.28 0.89
CA LEU C 44 10.89 4.25 -0.48
C LEU C 44 10.57 5.56 -1.13
N LYS C 45 11.57 6.39 -1.37
CA LYS C 45 11.30 7.68 -1.99
C LYS C 45 11.58 7.62 -3.50
N LEU C 46 10.74 8.28 -4.31
CA LEU C 46 10.92 8.36 -5.75
C LEU C 46 10.77 9.84 -6.11
N GLY C 47 11.85 10.59 -6.31
CA GLY C 47 11.63 11.99 -6.65
C GLY C 47 12.17 12.30 -8.02
N GLN C 48 12.18 13.57 -8.37
CA GLN C 48 12.70 13.93 -9.65
C GLN C 48 12.66 15.40 -9.87
N GLU C 49 13.76 15.98 -10.34
CA GLU C 49 13.80 17.43 -10.61
C GLU C 49 13.00 17.59 -11.88
N VAL C 50 11.83 18.18 -11.81
CA VAL C 50 11.03 18.21 -13.02
C VAL C 50 11.23 19.38 -13.95
N TRP C 51 11.99 20.41 -13.56
CA TRP C 51 12.17 21.53 -14.45
C TRP C 51 13.30 22.35 -13.97
N LYS C 52 14.14 22.75 -14.90
CA LYS C 52 15.29 23.54 -14.55
C LYS C 52 15.63 24.54 -15.61
N GLU C 53 15.80 25.78 -15.24
CA GLU C 53 16.20 26.77 -16.22
C GLU C 53 17.26 27.64 -15.65
N GLY C 54 18.50 27.28 -15.94
CA GLY C 54 19.57 28.06 -15.43
C GLY C 54 19.66 27.73 -13.98
N ASP C 55 19.44 28.74 -13.14
CA ASP C 55 19.51 28.57 -11.68
C ASP C 55 18.23 27.98 -11.05
N LYS C 56 17.12 28.17 -11.75
CA LYS C 56 15.82 27.74 -11.28
C LYS C 56 15.42 26.32 -11.55
N SER C 57 14.83 25.68 -10.56
CA SER C 57 14.34 24.33 -10.78
C SER C 57 13.16 24.04 -9.88
N PHE C 58 12.39 22.99 -10.22
CA PHE C 58 11.27 22.50 -9.46
C PHE C 58 11.61 21.06 -9.21
N TYR C 59 11.69 20.70 -7.94
CA TYR C 59 11.96 19.32 -7.54
C TYR C 59 10.69 18.68 -6.96
N PHE C 60 10.38 17.44 -7.33
CA PHE C 60 9.20 16.72 -6.84
C PHE C 60 9.69 15.53 -6.07
N ASP C 61 9.30 15.47 -4.78
CA ASP C 61 9.65 14.38 -3.84
C ASP C 61 8.44 13.60 -3.22
N THR C 62 8.56 12.29 -3.05
CA THR C 62 7.49 11.48 -2.46
C THR C 62 8.05 10.50 -1.45
N ASN C 63 7.21 9.91 -0.62
CA ASN C 63 7.71 8.92 0.36
C ASN C 63 6.58 7.98 0.84
N VAL C 64 6.77 6.68 0.73
CA VAL C 64 5.75 5.74 1.10
C VAL C 64 6.40 4.80 2.08
N ALA C 65 5.98 4.77 3.35
CA ALA C 65 6.59 3.91 4.40
C ALA C 65 5.83 2.63 4.75
N TYR C 66 6.59 1.58 5.01
CA TYR C 66 6.04 0.28 5.32
C TYR C 66 6.65 -0.16 6.60
N SER C 67 5.95 -0.99 7.31
CA SER C 67 6.51 -1.44 8.55
C SER C 67 5.83 -2.76 8.84
N VAL C 68 6.53 -3.86 8.62
CA VAL C 68 5.94 -5.15 8.85
C VAL C 68 6.64 -5.78 10.05
N ALA C 69 6.15 -6.92 10.53
CA ALA C 69 6.70 -7.50 11.73
C ALA C 69 7.80 -8.45 11.51
N GLN C 70 7.98 -8.84 10.25
CA GLN C 70 9.01 -9.75 9.86
C GLN C 70 8.98 -11.08 10.56
N GLN C 71 7.81 -11.70 10.52
CA GLN C 71 7.68 -13.04 11.07
C GLN C 71 7.21 -13.94 9.97
N ASN C 72 7.01 -13.37 8.79
CA ASN C 72 6.64 -14.15 7.63
C ASN C 72 7.00 -13.42 6.34
N ASP C 73 6.79 -14.10 5.23
CA ASP C 73 7.03 -13.56 3.91
C ASP C 73 5.86 -12.61 3.58
N TRP C 74 4.72 -13.18 3.26
CA TRP C 74 3.56 -12.38 2.91
C TRP C 74 3.03 -11.63 4.11
N GLU C 75 3.32 -10.36 4.21
CA GLU C 75 2.86 -9.59 5.34
C GLU C 75 2.18 -8.37 4.83
N ALA C 76 0.85 -8.45 4.74
CA ALA C 76 -0.01 -7.35 4.27
C ALA C 76 0.08 -6.26 5.28
N THR C 77 -0.05 -5.02 4.83
CA THR C 77 0.09 -3.88 5.70
C THR C 77 -0.50 -2.61 5.08
N ASP C 78 -0.63 -1.55 5.87
CA ASP C 78 -1.19 -0.29 5.39
C ASP C 78 -0.04 0.69 5.37
N PRO C 79 0.50 0.95 4.18
CA PRO C 79 1.65 1.85 4.05
C PRO C 79 1.27 3.28 4.38
N ALA C 80 2.15 4.08 4.96
CA ALA C 80 1.80 5.46 5.27
C ALA C 80 2.18 6.37 4.13
N PHE C 81 1.34 7.15 3.50
CA PHE C 81 1.88 8.02 2.46
C PHE C 81 2.39 9.24 3.22
N ARG C 82 3.71 9.33 3.44
CA ARG C 82 4.31 10.43 4.21
C ARG C 82 4.80 11.71 3.56
N GLU C 83 5.17 11.69 2.26
CA GLU C 83 5.65 12.88 1.56
C GLU C 83 5.17 12.96 0.16
N ALA C 84 4.81 14.16 -0.25
CA ALA C 84 4.38 14.44 -1.62
C ALA C 84 4.42 15.95 -1.69
N ASN C 85 5.60 16.53 -1.96
CA ASN C 85 5.76 18.00 -2.04
C ASN C 85 6.55 18.42 -3.23
N VAL C 86 6.49 19.71 -3.54
CA VAL C 86 7.21 20.35 -4.66
C VAL C 86 7.98 21.53 -4.10
N GLN C 87 9.28 21.54 -4.38
CA GLN C 87 10.16 22.64 -3.91
C GLN C 87 10.62 23.47 -5.09
N GLY C 88 10.40 24.77 -5.03
CA GLY C 88 10.78 25.63 -6.15
C GLY C 88 11.99 26.45 -5.74
N LYS C 89 13.19 26.11 -6.22
CA LYS C 89 14.40 26.88 -5.84
C LYS C 89 14.76 28.07 -6.73
N ASN C 90 15.03 29.19 -6.06
CA ASN C 90 15.37 30.42 -6.71
C ASN C 90 14.28 30.99 -7.54
N LEU C 91 13.03 30.82 -7.16
CA LEU C 91 11.96 31.40 -7.94
C LEU C 91 11.69 32.85 -7.52
N ILE C 92 12.14 33.27 -6.33
CA ILE C 92 11.91 34.65 -5.86
C ILE C 92 13.25 35.36 -6.00
N GLU C 93 13.35 36.19 -7.04
CA GLU C 93 14.57 36.94 -7.42
C GLU C 93 15.27 37.68 -6.29
N TRP C 94 14.49 38.48 -5.60
CA TRP C 94 15.03 39.24 -4.53
C TRP C 94 15.18 38.52 -3.22
N LEU C 95 15.06 37.21 -3.25
CA LEU C 95 15.22 36.37 -2.06
C LEU C 95 15.95 35.19 -2.63
N PRO C 96 17.11 35.43 -3.26
CA PRO C 96 17.91 34.37 -3.87
C PRO C 96 18.43 33.27 -2.97
N GLY C 97 18.48 32.09 -3.57
CA GLY C 97 18.95 30.87 -2.92
C GLY C 97 17.87 30.22 -2.08
N SER C 98 16.75 30.91 -1.98
CA SER C 98 15.64 30.48 -1.19
C SER C 98 14.63 29.61 -1.96
N THR C 99 13.96 28.73 -1.21
CA THR C 99 12.94 27.82 -1.73
C THR C 99 11.53 28.05 -1.23
N ILE C 100 10.57 27.80 -2.09
CA ILE C 100 9.20 27.87 -1.67
C ILE C 100 8.71 26.47 -1.93
N TRP C 101 8.24 25.76 -0.89
CA TRP C 101 7.74 24.40 -1.06
C TRP C 101 6.35 24.31 -0.47
N ALA C 102 5.54 23.38 -0.90
CA ALA C 102 4.19 23.17 -0.34
C ALA C 102 3.93 21.68 -0.52
N GLY C 103 3.22 21.05 0.40
CA GLY C 103 2.99 19.64 0.25
C GLY C 103 3.30 19.01 1.55
N LYS C 104 3.20 17.72 1.58
CA LYS C 104 3.40 16.95 2.78
C LYS C 104 4.88 16.67 2.79
N ARG C 105 5.62 17.13 3.77
CA ARG C 105 7.08 16.92 3.75
C ARG C 105 7.82 16.74 5.06
N PHE C 106 8.86 15.92 5.07
CA PHE C 106 9.72 15.74 6.27
C PHE C 106 10.60 17.03 6.35
N TYR C 107 10.25 18.01 7.16
CA TYR C 107 10.98 19.28 7.21
C TYR C 107 12.11 19.44 8.23
N GLN C 108 13.35 19.56 7.73
CA GLN C 108 14.55 19.77 8.54
C GLN C 108 14.51 19.09 9.87
N ARG C 109 14.38 17.79 9.89
CA ARG C 109 14.29 17.18 11.19
C ARG C 109 15.59 16.85 11.86
N HIS C 110 15.69 17.02 13.16
CA HIS C 110 16.90 16.69 13.89
C HIS C 110 16.68 15.43 14.72
N ASP C 111 17.67 14.52 14.76
CA ASP C 111 17.55 13.30 15.50
C ASP C 111 18.87 12.81 16.03
N VAL C 112 18.85 11.82 16.91
CA VAL C 112 20.05 11.24 17.47
C VAL C 112 20.00 9.81 16.97
N HIS C 113 20.79 9.51 15.95
CA HIS C 113 20.77 8.19 15.38
C HIS C 113 20.76 6.98 16.29
N MET C 114 21.69 6.91 17.22
CA MET C 114 21.77 5.69 18.03
C MET C 114 20.61 5.34 18.93
N ILE C 115 19.83 6.33 19.32
CA ILE C 115 18.66 6.03 20.13
C ILE C 115 17.44 6.28 19.26
N ASP C 116 17.67 6.56 17.98
CA ASP C 116 16.59 6.81 17.03
C ASP C 116 15.59 7.76 17.63
N PHE C 117 16.05 8.87 18.17
CA PHE C 117 15.16 9.80 18.81
C PHE C 117 15.15 11.12 18.04
N TYR C 118 14.00 11.57 17.56
CA TYR C 118 13.94 12.82 16.84
C TYR C 118 13.56 13.89 17.82
N TYR C 119 14.46 14.84 18.06
CA TYR C 119 14.13 15.89 18.99
C TYR C 119 13.57 17.15 18.40
N TRP C 120 13.62 17.32 17.07
CA TRP C 120 13.07 18.55 16.44
C TRP C 120 12.50 18.11 15.10
N ASP C 121 11.21 17.87 15.04
CA ASP C 121 10.56 17.37 13.84
C ASP C 121 9.11 17.82 13.77
N ILE C 122 8.81 18.78 12.91
CA ILE C 122 7.47 19.26 12.75
C ILE C 122 6.91 18.77 11.41
N SER C 123 7.48 17.69 10.86
CA SER C 123 7.02 17.23 9.54
C SER C 123 5.51 17.00 9.46
N GLY C 124 4.95 17.07 8.25
CA GLY C 124 3.53 16.85 8.04
C GLY C 124 3.05 17.70 6.89
N PRO C 125 1.71 17.84 6.63
CA PRO C 125 1.26 18.68 5.51
C PRO C 125 1.79 20.08 5.81
N GLY C 126 2.27 20.86 4.85
CA GLY C 126 2.78 22.17 5.23
C GLY C 126 3.14 23.04 4.06
N ALA C 127 3.82 24.14 4.36
CA ALA C 127 4.29 25.08 3.36
C ALA C 127 5.29 26.03 4.02
N GLY C 128 6.20 26.59 3.24
CA GLY C 128 7.21 27.49 3.79
C GLY C 128 8.15 28.12 2.78
N LEU C 129 8.84 29.16 3.23
CA LEU C 129 9.82 29.86 2.43
C LEU C 129 11.06 29.51 3.19
N GLU C 130 11.85 28.66 2.59
CA GLU C 130 13.05 28.17 3.24
C GLU C 130 14.36 28.81 2.78
N ASN C 131 15.32 28.91 3.67
CA ASN C 131 16.63 29.43 3.31
C ASN C 131 16.81 30.84 2.79
N ILE C 132 16.24 31.80 3.48
CA ILE C 132 16.37 33.17 3.08
C ILE C 132 17.71 33.61 3.66
N ASP C 133 18.55 34.27 2.87
CA ASP C 133 19.85 34.71 3.38
C ASP C 133 19.70 36.01 4.11
N VAL C 134 19.84 35.99 5.44
CA VAL C 134 19.69 37.20 6.26
C VAL C 134 21.11 37.74 6.53
N GLY C 135 22.08 37.30 5.74
CA GLY C 135 23.42 37.82 5.95
C GLY C 135 24.25 37.06 6.97
N PHE C 136 23.94 37.22 8.25
CA PHE C 136 24.72 36.49 9.26
C PHE C 136 24.31 35.03 9.32
N GLY C 137 23.13 34.76 8.80
CA GLY C 137 22.66 33.40 8.77
C GLY C 137 21.53 33.28 7.77
N LYS C 138 20.97 32.06 7.73
CA LYS C 138 19.84 31.66 6.89
C LYS C 138 18.58 31.55 7.73
N LEU C 139 17.55 32.26 7.33
CA LEU C 139 16.29 32.27 8.03
C LEU C 139 15.24 31.47 7.31
N SER C 140 14.55 30.58 8.03
CA SER C 140 13.47 29.82 7.41
C SER C 140 12.15 30.00 8.13
N LEU C 141 11.07 29.91 7.37
CA LEU C 141 9.69 30.02 7.87
C LEU C 141 8.77 28.89 7.29
N ALA C 142 8.03 28.18 8.17
CA ALA C 142 7.12 27.09 7.75
C ALA C 142 5.93 26.99 8.67
N ALA C 143 4.83 26.50 8.11
CA ALA C 143 3.65 26.23 8.89
C ALA C 143 3.28 24.82 8.52
N THR C 144 3.20 23.96 9.52
CA THR C 144 2.77 22.58 9.28
C THR C 144 1.54 22.28 10.11
N ARG C 145 1.03 21.08 9.96
CA ARG C 145 -0.21 20.67 10.58
C ARG C 145 -0.20 19.27 11.05
N SER C 146 -0.96 19.07 12.10
CA SER C 146 -1.21 17.76 12.72
C SER C 146 -2.66 17.85 13.24
N SER C 147 -3.18 16.72 13.68
CA SER C 147 -4.51 16.76 14.23
C SER C 147 -4.69 15.58 15.16
N GLU C 148 -5.27 15.83 16.34
CA GLU C 148 -5.47 14.78 17.34
C GLU C 148 -6.78 14.10 17.05
N ALA C 149 -6.84 12.82 17.39
CA ALA C 149 -8.03 11.99 17.14
C ALA C 149 -9.41 12.53 17.52
N GLY C 150 -9.54 13.07 18.73
CA GLY C 150 -10.80 13.65 19.12
C GLY C 150 -10.43 14.92 19.83
N GLY C 151 -11.16 15.29 20.88
CA GLY C 151 -10.82 16.46 21.65
C GLY C 151 -11.75 17.63 21.51
N SER C 152 -12.67 17.59 20.57
CA SER C 152 -13.58 18.72 20.40
C SER C 152 -15.05 18.40 20.57
N SER C 153 -15.85 19.37 21.03
CA SER C 153 -17.27 19.13 21.16
C SER C 153 -18.01 20.10 20.30
N SER C 154 -19.01 19.56 19.60
CA SER C 154 -19.91 20.27 18.70
C SER C 154 -20.73 21.25 19.51
N PHE C 155 -20.85 20.97 20.82
CA PHE C 155 -21.62 21.78 21.80
C PHE C 155 -20.91 21.70 23.15
N ALA C 156 -21.18 22.64 24.04
CA ALA C 156 -20.53 22.55 25.35
C ALA C 156 -21.17 21.46 26.23
N SER C 157 -20.42 20.38 26.48
CA SER C 157 -20.89 19.30 27.32
C SER C 157 -20.00 19.39 28.54
N ASN C 158 -20.39 18.71 29.62
CA ASN C 158 -19.60 18.71 30.84
C ASN C 158 -18.99 17.32 30.82
N ASN C 159 -19.57 16.47 29.97
CA ASN C 159 -19.14 15.10 29.84
C ASN C 159 -17.99 14.96 28.86
N ILE C 160 -16.84 14.50 29.34
CA ILE C 160 -15.68 14.35 28.49
C ILE C 160 -15.93 13.46 27.29
N TYR C 161 -16.78 12.46 27.42
CA TYR C 161 -17.00 11.59 26.28
C TYR C 161 -17.66 12.32 25.12
N ASP C 162 -17.93 13.60 25.29
CA ASP C 162 -18.58 14.35 24.22
C ASP C 162 -17.59 15.00 23.27
N TYR C 163 -16.32 14.98 23.70
CA TYR C 163 -15.18 15.55 22.99
C TYR C 163 -14.47 14.51 22.15
N THR C 164 -15.14 14.12 21.08
CA THR C 164 -14.65 13.09 20.20
C THR C 164 -14.40 13.55 18.80
N ASN C 165 -14.54 14.86 18.61
CA ASN C 165 -14.23 15.45 17.32
C ASN C 165 -12.72 15.72 17.18
N GLU C 166 -12.18 15.29 16.05
CA GLU C 166 -10.77 15.47 15.70
C GLU C 166 -10.49 16.97 15.80
N THR C 167 -9.32 17.30 16.35
CA THR C 167 -9.00 18.70 16.48
C THR C 167 -7.64 18.96 15.83
N ALA C 168 -7.66 19.82 14.81
CA ALA C 168 -6.48 20.22 14.06
C ALA C 168 -5.64 21.12 14.93
N ASN C 169 -4.33 20.97 14.87
CA ASN C 169 -3.39 21.85 15.59
C ASN C 169 -2.47 22.42 14.49
N ASP C 170 -2.02 23.68 14.62
CA ASP C 170 -1.14 24.35 13.64
C ASP C 170 0.18 24.69 14.28
N VAL C 171 1.27 24.47 13.57
CA VAL C 171 2.57 24.88 14.08
C VAL C 171 3.12 25.93 13.16
N PHE C 172 3.68 26.95 13.78
CA PHE C 172 4.28 28.05 13.05
C PHE C 172 5.69 28.08 13.53
N ASP C 173 6.56 27.75 12.60
CA ASP C 173 7.96 27.58 12.86
C ASP C 173 8.86 28.64 12.23
N VAL C 174 9.85 29.13 12.98
CA VAL C 174 10.80 30.12 12.47
C VAL C 174 12.18 29.70 12.93
N ARG C 175 13.11 29.52 12.00
CA ARG C 175 14.46 29.10 12.37
C ARG C 175 15.46 30.08 11.77
N LEU C 176 16.57 30.24 12.49
CA LEU C 176 17.67 31.10 12.08
C LEU C 176 18.95 30.30 12.31
N ALA C 177 19.53 29.85 11.22
CA ALA C 177 20.70 28.98 11.29
C ALA C 177 21.95 29.48 10.63
N GLN C 178 22.89 28.55 10.63
CA GLN C 178 24.24 28.69 10.09
C GLN C 178 24.95 29.97 10.60
N MET C 179 24.62 30.38 11.83
CA MET C 179 25.30 31.54 12.40
C MET C 179 26.52 30.91 13.04
N GLU C 180 27.69 31.47 12.71
CA GLU C 180 28.97 30.99 13.25
C GLU C 180 29.36 31.68 14.59
N ILE C 181 28.62 31.40 15.68
CA ILE C 181 28.95 31.97 16.96
C ILE C 181 30.49 31.83 17.19
N ASN C 182 31.14 30.80 16.63
CA ASN C 182 32.57 30.67 16.84
C ASN C 182 33.25 29.87 15.74
N PRO C 183 34.56 29.63 15.86
CA PRO C 183 35.24 28.87 14.82
C PRO C 183 35.05 27.37 14.98
N GLY C 184 34.43 26.77 13.96
CA GLY C 184 34.12 25.35 13.97
C GLY C 184 32.69 25.14 14.47
N GLY C 185 32.15 26.19 15.11
CA GLY C 185 30.82 26.13 15.64
C GLY C 185 29.77 26.98 14.99
N THR C 186 28.58 26.43 14.87
CA THR C 186 27.44 27.14 14.31
C THR C 186 26.37 27.13 15.35
N LEU C 187 25.44 28.06 15.20
CA LEU C 187 24.33 28.16 16.12
C LEU C 187 23.03 28.26 15.35
N GLU C 188 22.06 27.43 15.75
CA GLU C 188 20.75 27.50 15.16
C GLU C 188 19.76 27.80 16.30
N LEU C 189 18.86 28.73 16.03
CA LEU C 189 17.85 29.12 16.98
C LEU C 189 16.52 28.93 16.32
N GLY C 190 15.57 28.36 17.07
CA GLY C 190 14.24 28.17 16.51
C GLY C 190 13.11 28.45 17.49
N VAL C 191 11.98 28.89 16.96
CA VAL C 191 10.82 29.13 17.77
C VAL C 191 9.62 28.50 17.10
N ASP C 192 8.93 27.70 17.89
CA ASP C 192 7.72 27.01 17.45
C ASP C 192 6.53 27.41 18.29
N TYR C 193 5.47 27.82 17.62
CA TYR C 193 4.23 28.15 18.31
C TYR C 193 3.09 27.34 17.77
N GLY C 194 2.59 26.41 18.57
CA GLY C 194 1.48 25.53 18.15
C GLY C 194 0.17 25.84 18.86
N ARG C 195 -0.95 25.59 18.22
CA ARG C 195 -2.21 25.90 18.84
C ARG C 195 -3.33 25.02 18.26
N ALA C 196 -4.25 24.49 19.09
CA ALA C 196 -5.37 23.68 18.57
C ALA C 196 -6.22 24.68 17.81
N ASN C 197 -6.69 24.34 16.63
CA ASN C 197 -7.44 25.25 15.79
C ASN C 197 -8.87 24.73 15.60
N LEU C 198 -9.78 25.17 16.48
CA LEU C 198 -11.19 24.72 16.54
C LEU C 198 -12.15 25.15 15.48
N ARG C 199 -12.99 24.24 15.01
CA ARG C 199 -13.99 24.55 13.99
C ARG C 199 -14.87 25.58 14.59
N ASP C 200 -15.52 26.34 13.75
CA ASP C 200 -16.42 27.36 14.26
C ASP C 200 -17.47 26.63 15.06
N ASN C 201 -17.64 27.12 16.28
CA ASN C 201 -18.61 26.57 17.22
C ASN C 201 -18.17 25.29 17.98
N TYR C 202 -16.90 24.90 17.91
CA TYR C 202 -16.53 23.73 18.70
C TYR C 202 -15.87 24.18 19.94
N ARG C 203 -15.87 23.31 20.93
CA ARG C 203 -15.30 23.67 22.20
C ARG C 203 -14.37 22.60 22.66
N LEU C 204 -13.30 23.02 23.33
CA LEU C 204 -12.36 22.07 23.89
C LEU C 204 -12.71 21.94 25.35
N VAL C 205 -12.26 20.85 25.95
CA VAL C 205 -12.46 20.59 27.37
C VAL C 205 -12.05 21.84 28.17
N ASP C 206 -12.48 21.91 29.44
CA ASP C 206 -12.11 23.06 30.25
C ASP C 206 -10.74 22.77 30.78
N GLY C 207 -9.92 23.80 30.73
CA GLY C 207 -8.57 23.62 31.22
C GLY C 207 -7.68 23.02 30.16
N ALA C 208 -8.23 22.67 28.99
CA ALA C 208 -7.41 22.16 27.91
C ALA C 208 -6.33 23.21 27.70
N SER C 209 -5.09 22.77 27.59
CA SER C 209 -3.91 23.64 27.41
C SER C 209 -4.03 24.57 26.22
N LYS C 210 -4.64 24.08 25.14
CA LYS C 210 -4.86 24.84 23.92
C LYS C 210 -3.67 25.23 23.04
N ASP C 211 -2.58 25.70 23.64
CA ASP C 211 -1.43 26.10 22.86
C ASP C 211 -0.14 25.93 23.61
N GLY C 212 0.95 26.40 22.99
CA GLY C 212 2.26 26.28 23.60
C GLY C 212 3.40 26.76 22.75
N TRP C 213 4.62 26.64 23.28
CA TRP C 213 5.84 27.05 22.62
C TRP C 213 6.93 26.07 22.78
N LEU C 214 7.74 25.96 21.73
CA LEU C 214 8.94 25.11 21.80
C LEU C 214 10.11 26.03 21.42
N PHE C 215 11.15 26.03 22.24
CA PHE C 215 12.27 26.87 21.94
C PHE C 215 13.47 25.96 21.81
N THR C 216 14.18 26.12 20.67
CA THR C 216 15.37 25.32 20.38
C THR C 216 16.64 26.13 20.10
N ALA C 217 17.77 25.62 20.58
CA ALA C 217 19.07 26.22 20.34
C ALA C 217 20.02 25.06 20.15
N GLU C 218 20.53 24.95 18.93
CA GLU C 218 21.45 23.87 18.67
C GLU C 218 22.80 24.42 18.28
N HIS C 219 23.85 23.92 18.94
CA HIS C 219 25.19 24.34 18.62
C HIS C 219 25.96 23.17 18.05
N THR C 220 26.46 23.32 16.82
CA THR C 220 27.25 22.25 16.19
C THR C 220 28.71 22.66 16.14
N GLN C 221 29.56 21.81 16.68
CA GLN C 221 30.97 22.06 16.73
C GLN C 221 31.70 20.96 16.01
N SER C 222 32.47 21.37 15.03
CA SER C 222 33.28 20.45 14.25
C SER C 222 34.40 19.94 15.15
N VAL C 223 34.60 18.62 15.22
CA VAL C 223 35.60 18.07 16.11
C VAL C 223 36.03 16.68 15.75
N LEU C 224 37.31 16.42 15.93
CA LEU C 224 37.86 15.10 15.70
C LEU C 224 37.35 14.47 14.45
N LYS C 225 37.28 15.28 13.39
CA LYS C 225 36.79 14.74 12.12
C LYS C 225 35.32 14.32 12.27
N GLY C 226 34.61 14.86 13.25
CA GLY C 226 33.22 14.50 13.43
C GLY C 226 32.53 15.76 13.85
N PHE C 227 31.47 15.64 14.63
CA PHE C 227 30.80 16.84 15.11
C PHE C 227 30.33 16.48 16.49
N ASN C 228 29.88 17.50 17.18
CA ASN C 228 29.31 17.38 18.49
C ASN C 228 28.19 18.38 18.49
N LYS C 229 26.98 17.98 18.86
CA LYS C 229 25.91 18.94 18.93
C LYS C 229 25.48 19.06 20.35
N PHE C 230 25.14 20.28 20.72
CA PHE C 230 24.69 20.52 22.06
C PHE C 230 23.36 21.19 21.91
N VAL C 231 22.32 20.55 22.46
CA VAL C 231 20.98 21.09 22.34
C VAL C 231 20.34 21.41 23.66
N VAL C 232 19.56 22.47 23.63
CA VAL C 232 18.81 22.87 24.78
C VAL C 232 17.43 23.30 24.26
N GLN C 233 16.37 22.65 24.76
CA GLN C 233 15.00 22.96 24.35
C GLN C 233 14.14 23.14 25.57
N TYR C 234 13.09 23.92 25.39
CA TYR C 234 12.13 24.24 26.42
C TYR C 234 10.75 24.36 25.84
N ALA C 235 9.88 23.47 26.28
CA ALA C 235 8.51 23.50 25.80
C ALA C 235 7.54 23.89 26.90
N THR C 236 6.41 24.31 26.43
CA THR C 236 5.39 24.80 27.25
C THR C 236 4.05 24.21 26.89
N ASP C 237 3.36 23.65 27.87
CA ASP C 237 2.00 23.14 27.67
C ASP C 237 1.70 22.19 26.57
N SER C 238 0.91 22.67 25.60
CA SER C 238 0.48 21.81 24.52
C SER C 238 1.56 21.23 23.66
N MET C 239 2.79 21.65 23.88
CA MET C 239 3.91 21.15 23.10
C MET C 239 4.73 20.16 23.91
N THR C 240 4.31 19.87 25.12
CA THR C 240 5.07 18.99 25.97
C THR C 240 4.85 17.53 25.73
N SER C 241 3.66 17.15 25.29
CA SER C 241 3.38 15.74 25.12
C SER C 241 4.12 15.12 23.98
N GLN C 242 4.05 15.74 22.80
CA GLN C 242 4.78 15.19 21.67
C GLN C 242 6.25 15.60 21.87
N GLY C 243 6.47 16.83 22.30
CA GLY C 243 7.81 17.28 22.60
C GLY C 243 8.85 17.25 21.54
N LYS C 244 8.46 17.59 20.32
CA LYS C 244 9.37 17.63 19.19
C LYS C 244 8.98 18.72 18.24
N GLY C 245 8.01 19.54 18.61
CA GLY C 245 7.57 20.60 17.74
C GLY C 245 6.11 20.50 17.35
N LEU C 246 5.47 19.35 17.61
CA LEU C 246 4.05 19.20 17.28
C LEU C 246 3.08 19.51 18.46
N SER C 247 1.94 20.11 18.15
CA SER C 247 0.98 20.48 19.19
C SER C 247 -0.25 19.60 19.40
N GLN C 248 -0.57 19.42 20.68
CA GLN C 248 -1.71 18.62 21.13
C GLN C 248 -2.44 19.43 22.17
N GLY C 249 -3.15 20.46 21.74
CA GLY C 249 -3.83 21.30 22.68
C GLY C 249 -5.17 20.85 23.22
N SER C 250 -5.74 19.74 22.75
CA SER C 250 -7.05 19.36 23.27
C SER C 250 -6.95 18.68 24.63
N GLY C 251 -5.93 17.85 24.82
CA GLY C 251 -5.78 17.16 26.11
C GLY C 251 -6.68 15.94 26.40
N VAL C 252 -7.42 15.50 25.39
CA VAL C 252 -8.31 14.34 25.46
C VAL C 252 -7.59 13.19 24.71
N ALA C 253 -7.73 11.97 25.22
CA ALA C 253 -7.12 10.77 24.66
C ALA C 253 -8.20 9.72 24.68
N PHE C 254 -8.03 8.61 23.94
CA PHE C 254 -9.04 7.56 23.96
C PHE C 254 -8.48 6.21 24.25
N ASP C 255 -9.20 5.41 25.04
CA ASP C 255 -8.73 4.06 25.34
C ASP C 255 -9.07 3.15 24.14
N ASN C 256 -8.71 1.88 24.20
CA ASN C 256 -8.99 1.01 23.05
C ASN C 256 -10.47 0.78 22.83
N GLU C 257 -11.29 1.15 23.82
CA GLU C 257 -12.74 1.00 23.74
C GLU C 257 -13.42 2.35 23.39
N LYS C 258 -12.69 3.22 22.69
CA LYS C 258 -13.18 4.54 22.29
C LYS C 258 -13.58 5.45 23.48
N PHE C 259 -13.12 5.17 24.70
CA PHE C 259 -13.47 6.02 25.84
C PHE C 259 -12.56 7.19 25.95
N ALA C 260 -13.13 8.38 26.02
CA ALA C 260 -12.29 9.55 26.16
C ALA C 260 -11.72 9.63 27.55
N TYR C 261 -10.56 10.26 27.66
CA TYR C 261 -9.93 10.50 28.95
C TYR C 261 -9.04 11.72 28.96
N ASN C 262 -8.64 12.17 30.12
CA ASN C 262 -7.91 13.40 30.20
C ASN C 262 -6.41 13.37 30.45
N ILE C 263 -5.67 13.44 29.35
CA ILE C 263 -4.22 13.45 29.36
C ILE C 263 -3.73 14.93 29.41
N ASN C 264 -4.29 15.76 30.30
CA ASN C 264 -3.96 17.20 30.44
C ASN C 264 -2.44 17.49 30.41
N ASN C 265 -2.01 18.28 29.44
CA ASN C 265 -0.57 18.57 29.31
C ASN C 265 -0.01 19.93 29.73
N ASN C 266 -0.75 20.71 30.52
CA ASN C 266 -0.25 21.99 30.99
C ASN C 266 0.98 21.71 31.80
N GLY C 267 1.99 22.50 31.57
CA GLY C 267 3.23 22.22 32.27
C GLY C 267 4.33 22.68 31.37
N HIS C 268 5.49 22.08 31.50
CA HIS C 268 6.59 22.49 30.66
C HIS C 268 7.58 21.36 30.55
N MET C 269 8.48 21.45 29.58
CA MET C 269 9.51 20.44 29.41
C MET C 269 10.85 21.11 29.25
N LEU C 270 11.87 20.50 29.85
CA LEU C 270 13.22 21.01 29.71
C LEU C 270 14.07 19.85 29.19
N ARG C 271 14.68 20.04 28.01
CA ARG C 271 15.55 19.02 27.38
C ARG C 271 16.92 19.60 27.12
N ILE C 272 17.91 18.88 27.60
CA ILE C 272 19.31 19.23 27.43
C ILE C 272 20.00 17.98 26.89
N LEU C 273 20.44 18.13 25.64
CA LEU C 273 21.04 17.06 24.86
C LEU C 273 22.46 17.32 24.36
N ASP C 274 23.26 16.28 24.36
CA ASP C 274 24.55 16.36 23.76
C ASP C 274 24.89 15.01 23.14
N HIS C 275 25.08 15.04 21.82
CA HIS C 275 25.43 13.84 21.06
C HIS C 275 26.39 14.23 19.93
N GLY C 276 27.01 13.22 19.31
CA GLY C 276 27.88 13.45 18.19
C GLY C 276 28.60 12.19 17.82
N ALA C 277 29.43 12.31 16.80
CA ALA C 277 30.27 11.19 16.36
C ALA C 277 31.66 11.81 16.09
N ILE C 278 32.70 11.14 16.61
CA ILE C 278 34.06 11.57 16.46
C ILE C 278 34.89 10.38 16.06
N SER C 279 35.87 10.63 15.20
CA SER C 279 36.80 9.60 14.76
C SER C 279 38.04 9.94 15.58
N MET C 280 38.63 8.92 16.17
CA MET C 280 39.81 9.13 16.99
C MET C 280 40.93 8.27 16.38
N GLY C 281 41.59 8.83 15.38
CA GLY C 281 42.61 8.04 14.75
C GLY C 281 42.13 7.39 13.47
N ASP C 282 42.74 6.25 13.15
CA ASP C 282 42.40 5.57 11.92
C ASP C 282 41.56 4.37 12.19
N ASN C 283 41.67 3.77 13.38
CA ASN C 283 40.92 2.55 13.70
C ASN C 283 39.64 2.66 14.56
N TRP C 284 39.29 3.88 14.91
CA TRP C 284 38.13 4.06 15.74
C TRP C 284 37.24 5.17 15.38
N ASP C 285 35.98 4.83 15.52
CA ASP C 285 34.89 5.75 15.33
C ASP C 285 34.02 5.48 16.55
N MET C 286 33.28 6.49 16.95
CA MET C 286 32.42 6.34 18.09
C MET C 286 31.33 7.38 18.18
N MET C 287 30.06 6.96 18.30
CA MET C 287 29.02 7.96 18.52
C MET C 287 28.60 7.88 19.98
N TYR C 288 28.04 8.97 20.48
CA TYR C 288 27.60 9.06 21.86
C TYR C 288 26.42 10.02 22.13
N VAL C 289 25.61 9.69 23.14
CA VAL C 289 24.49 10.56 23.54
C VAL C 289 24.56 10.64 25.02
N GLY C 290 23.99 11.74 25.47
CA GLY C 290 23.83 12.06 26.88
C GLY C 290 22.62 13.00 26.93
N MET C 291 21.56 12.63 27.65
CA MET C 291 20.41 13.52 27.70
C MET C 291 19.67 13.51 29.05
N TYR C 292 19.08 14.65 29.35
CA TYR C 292 18.30 14.75 30.54
C TYR C 292 17.01 15.44 30.15
N GLN C 293 15.89 14.71 30.23
CA GLN C 293 14.58 15.27 29.84
C GLN C 293 13.64 15.28 31.04
N ASP C 294 13.08 16.45 31.31
CA ASP C 294 12.19 16.65 32.43
C ASP C 294 10.85 17.20 31.99
N ILE C 295 9.84 16.32 31.95
CA ILE C 295 8.46 16.68 31.58
C ILE C 295 7.76 16.84 32.91
N ASN C 296 7.43 18.07 33.21
CA ASN C 296 6.81 18.41 34.46
C ASN C 296 5.39 18.86 34.23
N TRP C 297 4.44 18.02 34.57
CA TRP C 297 3.06 18.43 34.35
C TRP C 297 2.26 18.85 35.53
N ASP C 298 1.28 19.68 35.22
CA ASP C 298 0.40 20.12 36.25
C ASP C 298 -0.34 18.97 36.90
N ASN C 299 -0.65 17.93 36.16
CA ASN C 299 -1.34 16.82 36.74
C ASN C 299 -0.42 15.87 37.47
N ASP C 300 0.85 16.22 37.57
CA ASP C 300 1.79 15.35 38.25
C ASP C 300 2.15 14.03 37.59
N ASN C 301 1.81 13.84 36.32
CA ASN C 301 2.15 12.59 35.72
C ASN C 301 3.35 12.64 34.80
N GLY C 302 4.10 13.74 34.81
CA GLY C 302 5.30 13.85 33.97
C GLY C 302 6.35 12.81 34.34
N THR C 303 7.59 13.00 33.87
CA THR C 303 8.72 12.07 34.13
C THR C 303 10.02 12.83 34.07
N LYS C 304 11.09 12.32 34.68
CA LYS C 304 12.42 12.96 34.64
C LYS C 304 13.29 11.83 34.11
N TRP C 305 13.81 12.00 32.88
CA TRP C 305 14.57 10.98 32.17
C TRP C 305 16.05 11.31 31.95
N TRP C 306 16.92 10.31 32.09
CA TRP C 306 18.35 10.46 31.85
C TRP C 306 18.83 9.33 30.98
N THR C 307 19.57 9.61 29.90
CA THR C 307 20.17 8.52 29.07
C THR C 307 21.61 8.83 28.81
N VAL C 308 22.38 7.77 28.62
CA VAL C 308 23.77 7.90 28.27
C VAL C 308 24.13 6.60 27.61
N GLY C 309 24.85 6.72 26.50
CA GLY C 309 25.30 5.55 25.77
C GLY C 309 26.40 5.96 24.83
N ILE C 310 27.18 4.97 24.40
CA ILE C 310 28.28 5.19 23.47
C ILE C 310 28.28 4.01 22.52
N ARG C 311 28.75 4.25 21.32
CA ARG C 311 28.84 3.20 20.32
C ARG C 311 30.19 3.33 19.68
N PRO C 312 31.15 2.63 20.24
CA PRO C 312 32.49 2.69 19.68
C PRO C 312 32.62 1.60 18.61
N MET C 313 33.22 1.96 17.46
CA MET C 313 33.43 1.06 16.33
C MET C 313 34.92 0.99 16.12
N TYR C 314 35.43 -0.22 15.99
CA TYR C 314 36.86 -0.41 15.74
C TYR C 314 36.98 -1.11 14.40
N LYS C 315 37.65 -0.46 13.44
CA LYS C 315 37.76 -1.02 12.11
C LYS C 315 38.89 -2.00 11.90
N TRP C 316 38.57 -3.21 11.54
CA TRP C 316 39.57 -4.20 11.27
C TRP C 316 40.06 -4.05 9.86
N THR C 317 39.11 -3.74 9.00
CA THR C 317 39.31 -3.63 7.59
C THR C 317 38.52 -2.43 7.16
N PRO C 318 38.71 -1.97 5.93
CA PRO C 318 37.91 -0.81 5.56
C PRO C 318 36.46 -1.14 5.48
N ILE C 319 36.15 -2.41 5.26
CA ILE C 319 34.77 -2.84 5.18
C ILE C 319 34.32 -3.80 6.29
N MET C 320 35.08 -3.95 7.36
CA MET C 320 34.65 -4.86 8.42
C MET C 320 35.03 -4.34 9.78
N SER C 321 34.10 -4.45 10.73
CA SER C 321 34.39 -3.95 12.06
C SER C 321 33.65 -4.64 13.14
N THR C 322 33.95 -4.19 14.33
CA THR C 322 33.30 -4.71 15.49
C THR C 322 32.72 -3.51 16.13
N VAL C 323 31.38 -3.48 16.19
CA VAL C 323 30.65 -2.36 16.80
C VAL C 323 30.20 -2.82 18.18
N MET C 324 30.11 -1.88 19.10
CA MET C 324 29.64 -2.21 20.43
C MET C 324 28.79 -1.07 20.94
N GLU C 325 27.65 -1.37 21.54
CA GLU C 325 26.81 -0.29 22.09
C GLU C 325 26.51 -0.56 23.53
N ILE C 326 26.49 0.51 24.31
CA ILE C 326 26.20 0.43 25.74
C ILE C 326 25.30 1.58 26.11
N GLY C 327 24.09 1.25 26.56
CA GLY C 327 23.15 2.29 26.90
C GLY C 327 22.53 2.14 28.27
N TYR C 328 22.24 3.28 28.88
CA TYR C 328 21.66 3.31 30.19
C TYR C 328 20.54 4.32 30.29
N ASP C 329 19.39 3.83 30.75
CA ASP C 329 18.22 4.68 30.96
C ASP C 329 17.82 4.68 32.43
N ASN C 330 17.24 5.78 32.84
CA ASN C 330 16.72 5.88 34.19
C ASN C 330 15.63 6.93 34.20
N VAL C 331 14.37 6.48 34.33
CA VAL C 331 13.21 7.37 34.34
C VAL C 331 12.57 7.35 35.72
N GLU C 332 12.26 8.53 36.25
CA GLU C 332 11.64 8.60 37.57
C GLU C 332 10.20 9.11 37.43
N SER C 333 9.25 8.48 38.12
CA SER C 333 7.87 8.93 37.98
C SER C 333 7.62 10.22 38.64
N GLN C 334 7.01 11.16 37.94
CA GLN C 334 6.71 12.40 38.63
C GLN C 334 5.65 12.11 39.70
N ARG C 335 4.57 11.42 39.35
CA ARG C 335 3.51 11.12 40.29
C ARG C 335 3.94 10.31 41.49
N THR C 336 4.81 9.34 41.31
CA THR C 336 5.16 8.51 42.44
C THR C 336 6.59 8.56 42.96
N GLY C 337 7.43 9.38 42.35
CA GLY C 337 8.79 9.40 42.81
C GLY C 337 9.56 8.10 42.61
N ASP C 338 8.97 7.01 42.11
CA ASP C 338 9.79 5.79 41.88
C ASP C 338 10.74 5.85 40.65
N LYS C 339 11.62 4.86 40.56
CA LYS C 339 12.55 4.83 39.44
C LYS C 339 12.70 3.53 38.70
N ASN C 340 12.64 3.67 37.38
CA ASN C 340 12.81 2.55 36.46
C ASN C 340 14.18 2.75 35.81
N ASN C 341 14.91 1.69 35.56
CA ASN C 341 16.16 1.86 34.86
C ASN C 341 16.62 0.61 34.18
N GLN C 342 17.52 0.78 33.23
CA GLN C 342 18.05 -0.34 32.47
C GLN C 342 19.34 0.01 31.80
N TYR C 343 20.13 -1.04 31.61
CA TYR C 343 21.37 -0.90 30.89
C TYR C 343 21.43 -2.00 29.84
N LYS C 344 21.74 -1.59 28.60
CA LYS C 344 21.83 -2.53 27.50
C LYS C 344 23.26 -2.54 27.03
N ILE C 345 23.78 -3.75 26.80
CA ILE C 345 25.13 -3.88 26.33
C ILE C 345 25.09 -4.78 25.08
N THR C 346 25.30 -4.24 23.87
CA THR C 346 25.28 -5.07 22.65
C THR C 346 26.67 -5.15 22.01
N LEU C 347 26.97 -6.28 21.39
CA LEU C 347 28.25 -6.45 20.75
C LEU C 347 28.01 -7.00 19.34
N ALA C 348 28.48 -6.32 18.30
CA ALA C 348 28.24 -6.79 16.94
C ALA C 348 29.45 -6.79 16.03
N GLN C 349 29.40 -7.68 15.05
CA GLN C 349 30.43 -7.81 14.04
C GLN C 349 29.77 -7.41 12.73
N GLN C 350 30.13 -6.30 12.14
CA GLN C 350 29.49 -5.94 10.90
C GLN C 350 30.38 -5.75 9.69
N TRP C 351 29.75 -5.61 8.51
CA TRP C 351 30.39 -5.38 7.21
C TRP C 351 29.73 -4.15 6.62
N GLN C 352 30.40 -3.01 6.46
CA GLN C 352 29.74 -1.83 5.87
C GLN C 352 30.25 -1.50 4.51
N ALA C 353 29.54 -0.62 3.83
CA ALA C 353 29.97 -0.17 2.54
C ALA C 353 30.67 1.14 2.85
N GLY C 354 31.76 1.07 3.59
CA GLY C 354 32.49 2.29 3.91
C GLY C 354 33.33 2.08 5.15
N ASP C 355 34.23 3.01 5.49
CA ASP C 355 35.07 2.86 6.70
C ASP C 355 34.50 3.79 7.78
N SER C 356 33.24 4.22 7.64
CA SER C 356 32.66 5.10 8.65
C SER C 356 31.66 4.41 9.56
N ILE C 357 31.39 5.07 10.66
CA ILE C 357 30.39 4.55 11.60
C ILE C 357 29.07 5.01 10.99
N TRP C 358 29.15 5.89 10.02
CA TRP C 358 27.98 6.40 9.35
C TRP C 358 27.77 5.75 7.99
N SER C 359 28.56 4.75 7.62
CA SER C 359 28.37 4.18 6.30
C SER C 359 27.37 3.05 6.27
N ARG C 360 26.44 3.12 5.32
CA ARG C 360 25.40 2.10 5.12
C ARG C 360 25.49 1.69 3.64
N PRO C 361 25.11 0.44 3.26
CA PRO C 361 24.53 -0.72 3.89
C PRO C 361 25.41 -1.11 4.99
N ALA C 362 24.94 -2.01 5.83
CA ALA C 362 25.67 -2.56 6.97
C ALA C 362 24.95 -3.86 7.25
N ILE C 363 25.68 -4.93 7.44
CA ILE C 363 25.06 -6.19 7.74
C ILE C 363 25.69 -6.56 9.05
N ARG C 364 24.88 -6.74 10.08
CA ARG C 364 25.37 -7.08 11.41
C ARG C 364 24.98 -8.44 11.93
N VAL C 365 25.84 -9.01 12.74
CA VAL C 365 25.56 -10.26 13.41
C VAL C 365 25.83 -9.84 14.84
N PHE C 366 24.80 -9.84 15.70
CA PHE C 366 24.97 -9.31 17.06
C PHE C 366 24.42 -10.21 18.16
N ALA C 367 24.68 -9.77 19.38
CA ALA C 367 24.22 -10.42 20.58
C ALA C 367 23.97 -9.25 21.47
N THR C 368 22.80 -9.25 22.10
CA THR C 368 22.41 -8.19 23.02
C THR C 368 22.03 -8.77 24.38
N TYR C 369 22.29 -7.97 25.41
CA TYR C 369 21.96 -8.30 26.81
C TYR C 369 21.41 -7.12 27.55
N ALA C 370 20.24 -7.30 28.13
CA ALA C 370 19.68 -6.22 28.90
C ALA C 370 19.27 -6.74 30.25
N LYS C 371 19.41 -5.86 31.22
CA LYS C 371 19.06 -6.16 32.59
C LYS C 371 18.37 -4.92 33.13
N TRP C 372 17.10 -5.07 33.52
CA TRP C 372 16.30 -3.95 34.07
C TRP C 372 15.74 -4.20 35.47
N ASP C 373 15.12 -3.15 35.99
CA ASP C 373 14.55 -3.18 37.30
C ASP C 373 13.65 -1.99 37.32
N GLU C 374 12.38 -2.23 37.02
CA GLU C 374 11.37 -1.16 37.01
C GLU C 374 10.47 -1.23 38.26
N LYS C 375 10.34 -0.09 38.93
CA LYS C 375 9.54 0.03 40.15
C LYS C 375 8.19 0.79 40.01
N TRP C 376 7.76 0.97 38.77
CA TRP C 376 6.51 1.64 38.47
C TRP C 376 6.14 1.46 37.02
N GLY C 377 4.87 1.58 36.69
CA GLY C 377 4.45 1.42 35.33
C GLY C 377 3.19 2.24 35.18
N TYR C 378 2.54 2.22 34.03
CA TYR C 378 1.31 2.98 33.86
C TYR C 378 0.12 2.08 34.05
N ASP C 379 -0.95 2.63 34.58
CA ASP C 379 -2.10 1.79 34.79
C ASP C 379 -2.95 1.80 33.58
N TYR C 380 -2.80 0.75 32.82
CA TYR C 380 -3.59 0.64 31.62
C TYR C 380 -4.54 -0.51 31.75
N THR C 381 -4.76 -0.94 32.98
CA THR C 381 -5.71 -2.02 33.17
C THR C 381 -7.05 -1.37 33.12
N GLY C 382 -8.03 -2.15 32.73
CA GLY C 382 -9.35 -1.60 32.70
C GLY C 382 -9.83 -0.83 31.51
N ASN C 383 -10.40 0.32 31.82
CA ASN C 383 -11.08 1.10 30.84
C ASN C 383 -10.89 2.53 31.22
N ALA C 384 -11.05 3.44 30.29
CA ALA C 384 -10.96 4.82 30.68
C ALA C 384 -12.19 5.00 31.58
N ASP C 385 -13.24 4.18 31.35
CA ASP C 385 -14.50 4.19 32.14
C ASP C 385 -14.37 3.38 33.45
N ASN C 386 -13.96 2.10 33.37
CA ASN C 386 -13.78 1.24 34.57
C ASN C 386 -12.73 1.83 35.52
N ASN C 387 -11.60 2.21 34.95
CA ASN C 387 -10.48 2.73 35.70
C ASN C 387 -10.49 4.20 35.87
N ALA C 388 -9.88 4.64 36.95
CA ALA C 388 -9.81 6.06 37.18
C ALA C 388 -8.33 6.45 37.27
N ASN C 389 -7.48 5.45 37.44
CA ASN C 389 -6.06 5.72 37.46
C ASN C 389 -5.61 5.39 36.07
N PHE C 390 -6.57 5.13 35.19
CA PHE C 390 -6.29 4.75 33.82
C PHE C 390 -5.33 5.73 33.20
N GLY C 391 -4.17 5.21 32.78
CA GLY C 391 -3.12 6.02 32.18
C GLY C 391 -2.18 6.74 33.14
N LYS C 392 -2.18 6.39 34.41
CA LYS C 392 -1.36 7.07 35.38
C LYS C 392 -0.21 6.26 35.82
N ALA C 393 0.83 6.91 36.30
CA ALA C 393 1.99 6.19 36.78
C ALA C 393 1.51 5.54 38.08
N VAL C 394 1.99 4.35 38.36
CA VAL C 394 1.51 3.64 39.52
C VAL C 394 2.65 2.74 39.93
N PRO C 395 2.76 2.42 41.20
CA PRO C 395 3.88 1.57 41.59
C PRO C 395 3.81 0.19 41.03
N ALA C 396 4.97 -0.43 41.01
CA ALA C 396 5.09 -1.74 40.45
C ALA C 396 4.08 -2.75 40.98
N ASP C 397 3.68 -2.60 42.23
CA ASP C 397 2.76 -3.57 42.84
C ASP C 397 1.41 -2.99 43.22
N PHE C 398 1.17 -1.77 42.78
CA PHE C 398 -0.05 -1.11 43.08
C PHE C 398 -1.24 -2.00 43.07
N ASN C 399 -1.98 -1.95 44.18
CA ASN C 399 -3.21 -2.71 44.38
C ASN C 399 -3.03 -4.16 44.05
N GLY C 400 -1.87 -4.66 44.46
CA GLY C 400 -1.53 -6.06 44.23
C GLY C 400 -1.30 -6.45 42.77
N GLY C 401 -1.23 -5.43 41.89
CA GLY C 401 -1.01 -5.71 40.49
C GLY C 401 0.47 -5.83 40.17
N SER C 402 0.72 -5.86 38.88
CA SER C 402 2.07 -5.92 38.33
C SER C 402 2.08 -4.79 37.32
N PHE C 403 2.94 -3.80 37.54
CA PHE C 403 3.08 -2.65 36.68
C PHE C 403 4.56 -2.47 36.46
N GLY C 404 4.93 -2.27 35.19
CA GLY C 404 6.34 -2.14 34.86
C GLY C 404 6.87 -3.48 34.40
N ARG C 405 8.09 -3.50 33.89
CA ARG C 405 8.67 -4.73 33.38
C ARG C 405 9.27 -5.61 34.44
N GLY C 406 9.31 -5.15 35.66
CA GLY C 406 9.90 -6.00 36.67
C GLY C 406 11.36 -5.78 36.86
N ASP C 407 12.01 -6.82 37.33
CA ASP C 407 13.41 -6.71 37.61
C ASP C 407 13.90 -7.97 37.00
N SER C 408 14.55 -7.84 35.85
CA SER C 408 15.02 -9.01 35.17
C SER C 408 16.19 -8.83 34.21
N ASP C 409 16.37 -9.86 33.40
CA ASP C 409 17.41 -9.99 32.43
C ASP C 409 16.86 -10.52 31.18
N GLU C 410 17.75 -10.63 30.19
CA GLU C 410 17.44 -11.25 28.91
C GLU C 410 18.53 -10.95 27.93
N TRP C 411 18.71 -11.87 27.02
CA TRP C 411 19.69 -11.69 25.98
C TRP C 411 19.11 -12.19 24.70
N THR C 412 19.46 -11.53 23.61
CA THR C 412 18.98 -11.92 22.31
C THR C 412 20.18 -11.94 21.38
N PHE C 413 19.93 -12.29 20.13
CA PHE C 413 20.96 -12.32 19.11
C PHE C 413 20.40 -12.57 17.73
N GLY C 414 21.10 -12.09 16.71
CA GLY C 414 20.63 -12.30 15.36
C GLY C 414 21.45 -11.55 14.34
N ALA C 415 20.93 -11.49 13.12
CA ALA C 415 21.58 -10.82 12.01
C ALA C 415 20.63 -9.75 11.49
N GLN C 416 21.15 -8.61 11.09
CA GLN C 416 20.28 -7.54 10.63
C GLN C 416 20.99 -6.74 9.54
N MET C 417 20.23 -5.98 8.76
CA MET C 417 20.75 -5.17 7.68
C MET C 417 20.19 -3.78 7.93
N GLU C 418 20.94 -2.73 7.63
CA GLU C 418 20.41 -1.39 7.78
C GLU C 418 20.95 -0.59 6.64
N ILE C 419 20.18 0.31 6.08
CA ILE C 419 20.64 1.07 4.93
C ILE C 419 19.87 2.30 4.65
N TRP C 420 20.56 3.42 4.44
CA TRP C 420 19.83 4.59 3.94
C TRP C 420 20.52 4.82 2.62
N TRP C 421 19.80 5.25 1.58
CA TRP C 421 20.39 5.43 0.26
C TRP C 421 19.78 6.60 -0.45
#